data_4OC4
#
_entry.id   4OC4
#
_cell.length_a   101.441
_cell.length_b   130.459
_cell.length_c   159.063
_cell.angle_alpha   90.00
_cell.angle_beta   90.00
_cell.angle_gamma   90.00
#
_symmetry.space_group_name_H-M   'I 2 2 2'
#
loop_
_entity.id
_entity.type
_entity.pdbx_description
1 polymer 'Glutamate carboxypeptidase 2'
2 branched 2-acetamido-2-deoxy-beta-D-glucopyranose-(1-4)-2-acetamido-2-deoxy-beta-D-glucopyranose
3 branched alpha-D-mannopyranose-(1-3)-beta-D-mannopyranose-(1-4)-2-acetamido-2-deoxy-beta-D-glucopyranose-(1-4)-2-acetamido-2-deoxy-beta-D-glucopyranose
4 non-polymer 2-acetamido-2-deoxy-beta-D-glucopyranose
5 non-polymer 'ZINC ION'
6 non-polymer 'CALCIUM ION'
7 non-polymer 'CHLORIDE ION'
8 non-polymer N~2~-{[(1S)-1-carboxy-2-(pyridin-4-yl)ethyl]carbamoyl}-N~6~-(4-iodobenzoyl)-L-lysine
9 water water
#
_entity_poly.entity_id   1
_entity_poly.type   'polypeptide(L)'
_entity_poly.pdbx_seq_one_letter_code
;RSKSSNEATNITPKHNMKAFLDELKAENIKKFLYNFTQIPHLAGTEQNFQLAKQIQSQWKEFGLDSVELAHYDVLLSYPN
KTHPNYISIINEDGNEIFNTSLFEPPPPGYENVSDIVPPFSAFSPQGMPEGDLVYVNYARTEDFFKLERDMKINCSGKIV
IARYGKVFRGNKVKNAQLAGAKGVILYSDPADYFAPGVKSYPDGWNLPGGGVQRGNILNLNGAGDPLTPGYPANEYAYRR
GIAEAVGLPSIPVHPIGYYDAQKLLEKMGGSAPPDSSWRGSLKVPYNVGPGFTGNFSTQKVKMHIHSTNEVTRIYNVIGT
LRGAVEPDRYVILGGHRDSWVFGGIDPQSGAAVVHEIVRSFGTLKKEGWRPRRTILFASWDAEEFGLLGSTEWAEENSRL
LQERGVAYINADSSIEGNYTLRVDCTPLMYSLVHNLTKELKSPDEGFEGKSLYESWTKKSPSPEFSGMPRISKLGSGNDF
EVFFQRLGIASGRARYTKNWETNKFSGYPLYHSVYETYELVEKFYDPMFKYHLTVAQVRGGMVFELANSIVLPFDCRDYA
VVLRKYADKIYSISMKHPQEMKTYSVSFDSLFSAVKNFTEIASKFSERLQDFDKSNPIVLRMMNDQLMFLERAFIDPLGL
PDRPFYRHVIYAPSSHNKYAGESFPGIYDALFDIESKVDPSKAWGEVKRQIYVAAFTVQAAAETLSEVA
;
_entity_poly.pdbx_strand_id   A
#
loop_
_chem_comp.id
_chem_comp.type
_chem_comp.name
_chem_comp.formula
2QN non-polymer N~2~-{[(1S)-1-carboxy-2-(pyridin-4-yl)ethyl]carbamoyl}-N~6~-(4-iodobenzoyl)-L-lysine 'C22 H25 I N4 O6'
BMA D-saccharide, beta linking beta-D-mannopyranose 'C6 H12 O6'
CA non-polymer 'CALCIUM ION' 'Ca 2'
CL non-polymer 'CHLORIDE ION' 'Cl -1'
MAN D-saccharide, alpha linking alpha-D-mannopyranose 'C6 H12 O6'
NAG D-saccharide, beta linking 2-acetamido-2-deoxy-beta-D-glucopyranose 'C8 H15 N O6'
ZN non-polymer 'ZINC ION' 'Zn 2'
#
# COMPACT_ATOMS: atom_id res chain seq x y z
N LYS A 14 18.46 3.81 32.95
CA LYS A 14 17.52 2.69 32.70
C LYS A 14 17.28 2.39 31.22
N HIS A 15 16.74 1.20 30.96
CA HIS A 15 16.43 0.74 29.61
C HIS A 15 14.92 0.74 29.42
N ASN A 16 14.39 1.86 28.96
CA ASN A 16 12.96 2.05 28.79
C ASN A 16 12.73 2.66 27.42
N MET A 17 11.49 3.04 27.10
CA MET A 17 11.29 3.56 25.74
C MET A 17 12.05 4.87 25.52
N LYS A 18 12.13 5.72 26.55
CA LYS A 18 12.82 6.98 26.39
C LYS A 18 14.29 6.76 26.00
N ALA A 19 14.93 5.73 26.56
CA ALA A 19 16.33 5.44 26.18
C ALA A 19 16.42 5.02 24.71
N PHE A 20 15.52 4.13 24.28
CA PHE A 20 15.45 3.75 22.88
C PHE A 20 15.24 4.99 21.98
N LEU A 21 14.26 5.80 22.34
CA LEU A 21 13.93 6.97 21.50
C LEU A 21 15.08 7.99 21.44
N ASP A 22 15.72 8.24 22.57
CA ASP A 22 16.81 9.23 22.62
C ASP A 22 18.05 8.81 21.81
N GLU A 23 18.23 7.52 21.60
CA GLU A 23 19.38 7.01 20.86
C GLU A 23 19.24 7.26 19.34
N LEU A 24 18.00 7.36 18.86
CA LEU A 24 17.70 7.70 17.43
C LEU A 24 18.24 9.05 17.07
N LYS A 25 18.95 9.16 15.94
CA LYS A 25 19.54 10.46 15.54
C LYS A 25 19.25 10.80 14.10
N ALA A 26 18.78 12.02 13.87
CA ALA A 26 18.52 12.54 12.53
C ALA A 26 19.75 12.40 11.61
N GLU A 27 20.94 12.70 12.16
N GLU A 27 20.94 12.71 12.16
CA GLU A 27 22.17 12.69 11.38
C GLU A 27 22.49 11.28 10.86
N ASN A 28 22.14 10.26 11.64
CA ASN A 28 22.37 8.89 11.16
C ASN A 28 21.41 8.52 10.05
N ILE A 29 20.17 8.94 10.17
CA ILE A 29 19.16 8.65 9.14
C ILE A 29 19.63 9.30 7.82
N LYS A 30 20.13 10.54 7.93
CA LYS A 30 20.65 11.27 6.78
C LYS A 30 21.79 10.50 6.12
N LYS A 31 22.74 10.06 6.93
CA LYS A 31 23.88 9.28 6.40
C LYS A 31 23.46 7.99 5.72
N PHE A 32 22.49 7.30 6.31
CA PHE A 32 21.97 6.06 5.72
C PHE A 32 21.23 6.33 4.41
N LEU A 33 20.41 7.40 4.37
CA LEU A 33 19.67 7.71 3.16
C LEU A 33 20.64 7.97 2.02
N TYR A 34 21.67 8.79 2.28
CA TYR A 34 22.69 9.04 1.25
C TYR A 34 23.30 7.70 0.77
N ASN A 35 23.66 6.85 1.71
CA ASN A 35 24.34 5.58 1.40
C ASN A 35 23.46 4.66 0.55
N PHE A 36 22.14 4.76 0.76
CA PHE A 36 21.19 3.89 0.07
C PHE A 36 20.70 4.37 -1.31
N THR A 37 21.10 5.57 -1.74
CA THR A 37 20.46 6.16 -2.92
C THR A 37 21.44 6.61 -4.00
N GLN A 38 22.67 6.12 -3.97
CA GLN A 38 23.71 6.56 -4.92
C GLN A 38 23.62 5.86 -6.28
N ILE A 39 23.07 4.63 -6.25
CA ILE A 39 22.90 3.80 -7.46
C ILE A 39 21.51 3.18 -7.45
N PRO A 40 21.00 2.76 -8.62
CA PRO A 40 19.67 2.15 -8.59
C PRO A 40 19.72 0.80 -7.86
N HIS A 41 18.59 0.42 -7.23
CA HIS A 41 18.45 -0.90 -6.57
C HIS A 41 17.20 -1.63 -7.04
N LEU A 42 17.09 -1.78 -8.36
CA LEU A 42 15.93 -2.48 -8.97
C LEU A 42 15.87 -3.92 -8.53
N ALA A 43 14.67 -4.40 -8.14
CA ALA A 43 14.55 -5.83 -7.77
C ALA A 43 15.12 -6.76 -8.84
N GLY A 44 15.82 -7.80 -8.39
CA GLY A 44 16.39 -8.78 -9.29
C GLY A 44 17.73 -8.41 -9.87
N THR A 45 18.26 -7.24 -9.54
CA THR A 45 19.53 -6.83 -10.14
C THR A 45 20.68 -7.05 -9.16
N GLU A 46 21.89 -7.14 -9.71
CA GLU A 46 23.06 -7.40 -8.85
C GLU A 46 23.23 -6.29 -7.77
N GLN A 47 22.92 -5.05 -8.16
N GLN A 47 23.04 -5.04 -8.19
CA GLN A 47 23.03 -3.88 -7.24
CA GLN A 47 23.04 -3.80 -7.22
C GLN A 47 22.17 -4.02 -5.97
N ASN A 48 20.98 -4.58 -6.17
CA ASN A 48 20.09 -4.80 -5.04
C ASN A 48 20.50 -5.99 -4.15
N PHE A 49 21.12 -7.01 -4.74
CA PHE A 49 21.70 -8.12 -3.96
C PHE A 49 22.87 -7.60 -3.14
N GLN A 50 23.75 -6.78 -3.74
N GLN A 50 23.72 -6.77 -3.77
CA GLN A 50 24.85 -6.22 -2.93
CA GLN A 50 24.84 -6.15 -3.05
C GLN A 50 24.35 -5.38 -1.74
C GLN A 50 24.39 -5.34 -1.82
N LEU A 51 23.30 -4.58 -1.97
CA LEU A 51 22.75 -3.79 -0.89
C LEU A 51 22.19 -4.73 0.19
N ALA A 52 21.50 -5.78 -0.23
CA ALA A 52 21.02 -6.77 0.76
C ALA A 52 22.16 -7.30 1.63
N LYS A 53 23.26 -7.67 0.99
CA LYS A 53 24.43 -8.18 1.74
C LYS A 53 25.00 -7.15 2.70
N GLN A 54 25.00 -5.88 2.26
CA GLN A 54 25.47 -4.78 3.11
C GLN A 54 24.58 -4.65 4.34
N ILE A 55 23.27 -4.66 4.13
CA ILE A 55 22.33 -4.51 5.24
C ILE A 55 22.48 -5.68 6.20
N GLN A 56 22.57 -6.88 5.65
CA GLN A 56 22.76 -8.06 6.50
C GLN A 56 24.00 -7.89 7.39
N SER A 57 25.10 -7.46 6.79
CA SER A 57 26.35 -7.29 7.56
C SER A 57 26.22 -6.23 8.67
N GLN A 58 25.60 -5.09 8.31
CA GLN A 58 25.41 -4.00 9.26
C GLN A 58 24.46 -4.37 10.39
N TRP A 59 23.37 -5.07 10.07
CA TRP A 59 22.45 -5.50 11.14
C TRP A 59 23.14 -6.43 12.13
N LYS A 60 24.04 -7.28 11.63
CA LYS A 60 24.85 -8.11 12.53
C LYS A 60 25.72 -7.25 13.43
N GLU A 61 26.44 -6.29 12.83
CA GLU A 61 27.33 -5.36 13.53
CA GLU A 61 27.34 -5.38 13.55
CA GLU A 61 27.35 -5.44 13.61
C GLU A 61 26.56 -4.58 14.59
N PHE A 62 25.32 -4.20 14.24
CA PHE A 62 24.45 -3.41 15.13
C PHE A 62 24.03 -4.19 16.37
N GLY A 63 24.08 -5.52 16.28
CA GLY A 63 23.90 -6.38 17.45
C GLY A 63 22.75 -7.36 17.39
N LEU A 64 22.11 -7.55 16.24
CA LEU A 64 21.00 -8.52 16.18
C LEU A 64 21.53 -9.94 16.40
N ASP A 65 20.68 -10.81 16.95
CA ASP A 65 21.08 -12.19 17.24
C ASP A 65 21.38 -13.05 16.01
N SER A 66 20.57 -12.87 14.98
CA SER A 66 20.72 -13.63 13.74
C SER A 66 20.29 -12.69 12.60
N VAL A 67 20.98 -12.75 11.46
CA VAL A 67 20.52 -11.98 10.30
C VAL A 67 20.77 -12.85 9.07
N GLU A 68 19.69 -13.26 8.41
CA GLU A 68 19.79 -14.17 7.29
C GLU A 68 19.18 -13.58 6.03
N LEU A 69 19.59 -14.07 4.87
CA LEU A 69 18.89 -13.74 3.63
C LEU A 69 17.91 -14.88 3.35
N ALA A 70 16.70 -14.51 2.96
CA ALA A 70 15.68 -15.47 2.51
C ALA A 70 15.46 -15.14 1.06
N HIS A 71 15.80 -16.08 0.17
CA HIS A 71 15.66 -15.86 -1.29
C HIS A 71 14.55 -16.69 -1.89
N TYR A 72 14.02 -16.19 -3.00
CA TYR A 72 12.90 -16.77 -3.77
C TYR A 72 13.12 -16.49 -5.23
N ASP A 73 12.54 -17.33 -6.08
CA ASP A 73 12.64 -17.10 -7.54
C ASP A 73 11.26 -16.81 -8.04
N VAL A 74 11.04 -15.53 -8.35
CA VAL A 74 9.69 -15.01 -8.65
C VAL A 74 9.60 -14.39 -10.05
N LEU A 75 8.39 -14.20 -10.55
CA LEU A 75 8.24 -13.60 -11.88
C LEU A 75 8.42 -12.09 -11.76
N LEU A 76 9.43 -11.56 -12.45
CA LEU A 76 9.62 -10.10 -12.57
C LEU A 76 9.40 -9.68 -14.01
N SER A 77 9.54 -8.38 -14.31
CA SER A 77 9.29 -7.89 -15.68
C SER A 77 10.27 -6.77 -15.94
N TYR A 78 10.89 -6.79 -17.12
CA TYR A 78 11.83 -5.75 -17.50
C TYR A 78 11.70 -5.35 -18.96
N PRO A 79 12.03 -4.08 -19.26
CA PRO A 79 12.10 -3.74 -20.71
C PRO A 79 13.24 -4.48 -21.41
N ASN A 80 13.13 -4.58 -22.73
CA ASN A 80 14.21 -5.16 -23.50
C ASN A 80 15.21 -4.05 -23.83
N LYS A 81 16.44 -4.18 -23.31
CA LYS A 81 17.54 -3.19 -23.49
C LYS A 81 17.86 -2.84 -24.95
N THR A 82 17.70 -3.82 -25.82
CA THR A 82 17.98 -3.61 -27.24
C THR A 82 16.74 -3.46 -28.15
N HIS A 83 15.54 -3.39 -27.57
CA HIS A 83 14.31 -3.21 -28.33
C HIS A 83 13.36 -2.31 -27.51
N PRO A 84 13.62 -0.99 -27.50
CA PRO A 84 12.90 -0.15 -26.53
C PRO A 84 11.40 0.04 -26.77
N ASN A 85 10.69 0.25 -25.66
CA ASN A 85 9.26 0.57 -25.67
C ASN A 85 9.05 2.02 -26.07
N TYR A 86 8.08 2.27 -26.93
CA TYR A 86 7.65 3.64 -27.21
C TYR A 86 6.27 3.67 -27.84
N ILE A 87 5.70 4.87 -27.94
CA ILE A 87 4.40 5.05 -28.61
C ILE A 87 4.59 6.04 -29.75
N SER A 88 3.88 5.81 -30.86
CA SER A 88 3.89 6.73 -32.00
C SER A 88 2.54 7.28 -32.38
N ILE A 89 2.55 8.44 -33.03
CA ILE A 89 1.45 8.79 -33.92
C ILE A 89 1.94 8.40 -35.30
N ILE A 90 1.10 7.67 -36.00
CA ILE A 90 1.46 7.09 -37.30
C ILE A 90 0.46 7.61 -38.33
N ASN A 91 0.97 8.05 -39.49
CA ASN A 91 0.10 8.54 -40.57
C ASN A 91 -0.44 7.38 -41.43
N GLU A 92 -1.33 7.72 -42.36
CA GLU A 92 -1.96 6.75 -43.27
C GLU A 92 -0.95 5.94 -44.11
N ASP A 93 0.25 6.50 -44.29
CA ASP A 93 1.32 5.85 -45.05
C ASP A 93 2.11 4.86 -44.21
N GLY A 94 1.94 4.94 -42.89
CA GLY A 94 2.68 4.10 -41.96
C GLY A 94 3.91 4.77 -41.37
N ASN A 95 4.12 6.05 -41.71
CA ASN A 95 5.24 6.81 -41.15
C ASN A 95 4.93 7.26 -39.72
N GLU A 96 5.85 6.96 -38.82
CA GLU A 96 5.70 7.35 -37.41
C GLU A 96 6.16 8.78 -37.30
N ILE A 97 5.21 9.71 -37.18
CA ILE A 97 5.49 11.15 -37.27
C ILE A 97 5.78 11.83 -35.93
N PHE A 98 5.49 11.12 -34.84
CA PHE A 98 5.85 11.55 -33.51
C PHE A 98 6.15 10.31 -32.69
N ASN A 99 7.24 10.36 -31.92
CA ASN A 99 7.55 9.30 -30.96
C ASN A 99 7.70 9.81 -29.55
N THR A 100 7.16 9.06 -28.58
CA THR A 100 7.41 9.38 -27.17
C THR A 100 8.86 9.05 -26.80
N SER A 101 9.30 9.59 -25.66
CA SER A 101 10.70 9.53 -25.25
C SER A 101 11.13 8.10 -24.94
N LEU A 102 12.42 7.81 -25.12
CA LEU A 102 12.93 6.46 -24.75
C LEU A 102 13.44 6.43 -23.30
N PHE A 103 13.55 7.59 -22.68
CA PHE A 103 14.04 7.70 -21.30
C PHE A 103 13.75 9.06 -20.69
N GLU A 104 13.76 9.17 -19.36
CA GLU A 104 13.63 10.49 -18.72
C GLU A 104 15.00 11.18 -18.74
N PRO A 105 15.03 12.49 -19.03
CA PRO A 105 16.32 13.18 -18.93
C PRO A 105 16.93 12.98 -17.54
N PRO A 106 18.16 12.44 -17.43
CA PRO A 106 18.61 12.16 -16.07
C PRO A 106 18.96 13.44 -15.29
N PRO A 107 18.80 13.39 -13.95
CA PRO A 107 19.03 14.60 -13.16
C PRO A 107 20.52 14.99 -13.10
N PRO A 108 20.80 16.25 -12.74
CA PRO A 108 22.17 16.77 -12.71
C PRO A 108 23.15 15.90 -11.93
N GLY A 109 24.26 15.50 -12.59
CA GLY A 109 25.29 14.75 -11.89
C GLY A 109 25.10 13.24 -11.92
N TYR A 110 23.97 12.81 -12.44
CA TYR A 110 23.67 11.39 -12.62
C TYR A 110 23.68 11.03 -14.11
N ASN A 112 25.40 10.16 -16.14
CA ASN A 112 26.30 9.03 -16.41
C ASN A 112 26.12 7.77 -15.51
N VAL A 113 24.95 7.63 -14.90
CA VAL A 113 24.60 6.36 -14.27
C VAL A 113 23.98 5.47 -15.38
N SER A 114 24.33 4.17 -15.44
CA SER A 114 24.08 3.33 -16.67
C SER A 114 22.83 2.40 -16.66
N ASP A 115 22.53 1.89 -15.47
CA ASP A 115 21.48 0.93 -15.26
C ASP A 115 20.23 1.60 -14.73
N ILE A 116 19.87 2.76 -15.29
CA ILE A 116 18.57 3.36 -14.96
C ILE A 116 17.51 2.72 -15.84
N VAL A 117 16.58 1.98 -15.23
CA VAL A 117 15.53 1.35 -16.04
C VAL A 117 14.64 2.45 -16.69
N PRO A 118 14.44 2.40 -18.02
CA PRO A 118 13.54 3.41 -18.62
C PRO A 118 12.10 3.21 -18.14
N PRO A 119 11.27 4.26 -18.24
CA PRO A 119 9.88 4.13 -17.84
C PRO A 119 9.21 3.00 -18.59
N PHE A 120 8.48 2.18 -17.84
CA PHE A 120 7.70 1.08 -18.39
C PHE A 120 6.66 0.70 -17.38
N SER A 121 5.65 -0.05 -17.84
CA SER A 121 4.63 -0.61 -16.94
C SER A 121 4.95 -2.08 -16.71
N ALA A 122 5.37 -2.42 -15.50
CA ALA A 122 5.83 -3.81 -15.25
C ALA A 122 4.68 -4.76 -15.41
N PHE A 123 4.97 -5.85 -16.13
CA PHE A 123 4.10 -6.98 -16.48
C PHE A 123 3.19 -6.71 -17.66
N SER A 124 3.41 -5.60 -18.35
CA SER A 124 2.64 -5.39 -19.59
C SER A 124 2.99 -6.56 -20.54
N PRO A 125 1.98 -7.14 -21.22
CA PRO A 125 2.33 -8.04 -22.33
C PRO A 125 2.97 -7.29 -23.49
N GLN A 126 3.56 -8.06 -24.40
CA GLN A 126 4.11 -7.48 -25.63
C GLN A 126 3.01 -7.22 -26.64
N GLY A 127 3.23 -6.25 -27.50
CA GLY A 127 2.31 -6.05 -28.63
C GLY A 127 2.63 -4.78 -29.35
N MET A 128 2.05 -4.63 -30.54
CA MET A 128 2.17 -3.40 -31.31
C MET A 128 0.78 -2.93 -31.78
N PRO A 129 -0.21 -2.82 -30.87
CA PRO A 129 -1.56 -2.41 -31.25
C PRO A 129 -1.58 -1.00 -31.86
N GLU A 130 -2.45 -0.80 -32.85
CA GLU A 130 -2.53 0.47 -33.54
C GLU A 130 -4.00 0.79 -33.63
N GLY A 131 -4.40 2.00 -33.22
CA GLY A 131 -5.80 2.34 -33.22
C GLY A 131 -6.10 3.79 -32.93
N ASP A 132 -7.38 4.06 -32.68
CA ASP A 132 -7.86 5.40 -32.33
C ASP A 132 -7.88 5.53 -30.82
N LEU A 133 -7.59 6.73 -30.34
CA LEU A 133 -7.54 7.02 -28.90
C LEU A 133 -8.91 7.37 -28.33
N VAL A 134 -9.17 6.89 -27.12
CA VAL A 134 -10.30 7.40 -26.33
C VAL A 134 -9.70 7.85 -24.99
N TYR A 135 -10.04 9.07 -24.57
CA TYR A 135 -9.58 9.60 -23.28
C TYR A 135 -10.62 9.31 -22.19
N VAL A 136 -10.16 8.70 -21.08
CA VAL A 136 -11.07 8.12 -20.08
C VAL A 136 -10.85 8.70 -18.69
N ASN A 137 -10.35 9.94 -18.64
CA ASN A 137 -10.09 10.64 -17.37
C ASN A 137 -9.14 9.78 -16.51
N TYR A 138 -9.51 9.47 -15.27
CA TYR A 138 -8.65 8.63 -14.42
C TYR A 138 -8.87 7.14 -14.59
N ALA A 139 -9.74 6.76 -15.54
CA ALA A 139 -10.02 5.37 -15.85
C ALA A 139 -10.58 4.62 -14.63
N ARG A 140 -11.29 5.36 -13.78
CA ARG A 140 -11.98 4.79 -12.62
C ARG A 140 -13.27 4.09 -13.07
N THR A 141 -13.80 3.24 -12.20
CA THR A 141 -15.09 2.60 -12.50
C THR A 141 -16.15 3.64 -12.91
N GLU A 142 -16.23 4.75 -12.17
CA GLU A 142 -17.27 5.75 -12.47
C GLU A 142 -16.98 6.50 -13.77
N ASP A 143 -15.70 6.59 -14.16
CA ASP A 143 -15.34 7.25 -15.44
C ASP A 143 -15.81 6.40 -16.60
N PHE A 144 -15.62 5.07 -16.48
CA PHE A 144 -16.11 4.15 -17.51
C PHE A 144 -17.65 4.06 -17.53
N PHE A 145 -18.28 4.15 -16.36
CA PHE A 145 -19.76 4.26 -16.32
C PHE A 145 -20.24 5.48 -17.12
N LYS A 146 -19.60 6.63 -16.89
CA LYS A 146 -19.93 7.89 -17.57
C LYS A 146 -19.76 7.76 -19.08
N LEU A 147 -18.63 7.20 -19.52
CA LEU A 147 -18.37 6.97 -20.95
C LEU A 147 -19.37 6.07 -21.63
N GLU A 148 -19.61 4.92 -21.02
N GLU A 148 -19.56 4.86 -21.11
CA GLU A 148 -20.35 3.84 -21.63
CA GLU A 148 -20.46 3.90 -21.74
C GLU A 148 -21.87 3.95 -21.44
C GLU A 148 -21.92 4.26 -21.51
N ARG A 149 -22.31 4.35 -20.25
CA ARG A 149 -23.74 4.48 -19.91
C ARG A 149 -24.33 5.83 -20.27
N ASP A 150 -23.59 6.89 -20.00
CA ASP A 150 -24.10 8.23 -20.26
C ASP A 150 -23.74 8.78 -21.65
N MET A 151 -22.48 8.65 -22.04
CA MET A 151 -22.01 9.32 -23.26
C MET A 151 -22.15 8.42 -24.48
N LYS A 152 -22.37 7.14 -24.20
CA LYS A 152 -22.55 6.07 -25.21
C LYS A 152 -21.33 5.86 -26.08
N ILE A 153 -20.15 5.99 -25.47
CA ILE A 153 -18.89 5.82 -26.19
C ILE A 153 -18.38 4.42 -25.95
N ASN A 154 -18.05 3.72 -27.04
CA ASN A 154 -17.63 2.33 -26.99
C ASN A 154 -16.10 2.26 -27.08
N CYS A 155 -15.46 1.69 -26.06
CA CYS A 155 -14.00 1.56 -26.04
C CYS A 155 -13.48 0.32 -26.75
N SER A 156 -14.38 -0.52 -27.26
CA SER A 156 -13.93 -1.76 -27.89
C SER A 156 -13.02 -1.51 -29.10
N GLY A 157 -11.84 -2.13 -29.06
CA GLY A 157 -10.82 -2.01 -30.10
C GLY A 157 -10.09 -0.67 -30.13
N LYS A 158 -10.29 0.15 -29.10
CA LYS A 158 -9.64 1.47 -29.02
C LYS A 158 -8.41 1.40 -28.12
N ILE A 159 -7.50 2.36 -28.29
CA ILE A 159 -6.43 2.58 -27.30
C ILE A 159 -6.92 3.64 -26.30
N VAL A 160 -6.88 3.29 -25.02
CA VAL A 160 -7.36 4.21 -23.99
C VAL A 160 -6.18 5.03 -23.49
N ILE A 161 -6.37 6.34 -23.35
CA ILE A 161 -5.40 7.15 -22.65
C ILE A 161 -6.03 7.70 -21.36
N ALA A 162 -5.33 7.49 -20.27
CA ALA A 162 -5.84 7.81 -18.94
C ALA A 162 -4.79 8.54 -18.17
N ARG A 163 -5.22 9.53 -17.39
CA ARG A 163 -4.30 10.17 -16.44
C ARG A 163 -4.13 9.34 -15.17
N TYR A 164 -2.89 9.30 -14.71
CA TYR A 164 -2.57 8.72 -13.41
C TYR A 164 -3.28 9.53 -12.33
N GLY A 165 -3.56 8.88 -11.21
CA GLY A 165 -4.06 9.58 -10.02
C GLY A 165 -5.31 8.89 -9.51
N LYS A 166 -5.64 9.18 -8.25
CA LYS A 166 -6.91 8.75 -7.60
C LYS A 166 -7.04 7.28 -7.24
N VAL A 167 -6.61 6.37 -8.11
CA VAL A 167 -6.73 4.93 -7.85
C VAL A 167 -5.50 4.24 -8.36
N PHE A 168 -5.23 3.06 -7.79
CA PHE A 168 -4.12 2.21 -8.26
C PHE A 168 -4.17 1.99 -9.77
N ARG A 169 -3.00 2.14 -10.44
CA ARG A 169 -2.97 1.98 -11.90
C ARG A 169 -3.43 0.61 -12.42
N GLY A 170 -3.24 -0.46 -11.61
CA GLY A 170 -3.73 -1.76 -12.02
C GLY A 170 -5.25 -1.79 -12.15
N ASN A 171 -5.97 -1.05 -11.29
CA ASN A 171 -7.42 -0.92 -11.47
C ASN A 171 -7.79 -0.23 -12.77
N LYS A 172 -7.04 0.80 -13.14
CA LYS A 172 -7.29 1.46 -14.43
C LYS A 172 -7.19 0.48 -15.60
N VAL A 173 -6.14 -0.34 -15.56
CA VAL A 173 -5.85 -1.24 -16.64
C VAL A 173 -6.94 -2.33 -16.71
N LYS A 174 -7.32 -2.87 -15.55
CA LYS A 174 -8.40 -3.86 -15.51
C LYS A 174 -9.69 -3.24 -16.08
N ASN A 175 -9.99 -2.01 -15.66
CA ASN A 175 -11.19 -1.32 -16.16
C ASN A 175 -11.13 -1.17 -17.67
N ALA A 176 -9.99 -0.74 -18.21
CA ALA A 176 -9.83 -0.56 -19.65
C ALA A 176 -10.00 -1.89 -20.40
N GLN A 177 -9.38 -2.93 -19.86
CA GLN A 177 -9.44 -4.27 -20.46
C GLN A 177 -10.89 -4.75 -20.57
N LEU A 178 -11.64 -4.60 -19.48
CA LEU A 178 -13.05 -5.06 -19.45
C LEU A 178 -13.96 -4.23 -20.32
N ALA A 179 -13.52 -3.00 -20.62
CA ALA A 179 -14.22 -2.14 -21.56
C ALA A 179 -13.89 -2.46 -23.01
N GLY A 180 -12.94 -3.35 -23.24
CA GLY A 180 -12.62 -3.81 -24.59
C GLY A 180 -11.44 -3.10 -25.24
N ALA A 181 -10.73 -2.27 -24.47
CA ALA A 181 -9.54 -1.54 -24.98
C ALA A 181 -8.49 -2.52 -25.52
N LYS A 182 -7.76 -2.14 -26.59
CA LYS A 182 -6.64 -3.00 -27.01
C LYS A 182 -5.28 -2.52 -26.51
N GLY A 183 -5.28 -1.42 -25.75
CA GLY A 183 -4.03 -0.91 -25.13
C GLY A 183 -4.36 0.23 -24.20
N VAL A 184 -3.43 0.56 -23.29
CA VAL A 184 -3.61 1.65 -22.33
C VAL A 184 -2.36 2.49 -22.30
N ILE A 185 -2.53 3.81 -22.41
CA ILE A 185 -1.44 4.75 -22.23
C ILE A 185 -1.76 5.52 -20.96
N LEU A 186 -0.83 5.44 -19.99
CA LEU A 186 -0.96 6.16 -18.71
C LEU A 186 -0.08 7.40 -18.76
N TYR A 187 -0.57 8.55 -18.28
CA TYR A 187 0.30 9.75 -18.27
C TYR A 187 0.09 10.59 -17.00
N SER A 188 1.09 11.41 -16.65
CA SER A 188 1.02 12.27 -15.48
C SER A 188 0.55 13.68 -15.90
N ASP A 189 -0.67 14.06 -15.51
CA ASP A 189 -1.16 15.40 -15.82
C ASP A 189 -0.61 16.38 -14.79
N PRO A 190 -0.20 17.59 -15.22
CA PRO A 190 0.24 18.55 -14.22
C PRO A 190 -0.87 18.95 -13.22
N ALA A 191 -2.14 18.77 -13.57
CA ALA A 191 -3.19 18.98 -12.55
C ALA A 191 -2.96 18.14 -11.27
N ASP A 192 -2.44 16.93 -11.44
CA ASP A 192 -2.27 15.95 -10.36
C ASP A 192 -0.82 15.91 -9.87
N TYR A 193 0.12 16.29 -10.74
CA TYR A 193 1.55 16.11 -10.41
C TYR A 193 2.39 17.38 -10.49
N PHE A 194 1.74 18.55 -10.52
CA PHE A 194 2.51 19.79 -10.54
C PHE A 194 1.81 20.78 -9.62
N ALA A 195 2.31 20.94 -8.41
CA ALA A 195 1.71 21.89 -7.48
C ALA A 195 1.95 23.32 -7.94
N PRO A 196 0.91 24.16 -7.94
CA PRO A 196 1.02 25.54 -8.37
C PRO A 196 2.07 26.26 -7.52
N GLY A 197 2.94 27.02 -8.19
CA GLY A 197 3.94 27.86 -7.53
C GLY A 197 5.22 27.22 -7.05
N VAL A 198 5.44 25.95 -7.38
CA VAL A 198 6.70 25.25 -7.04
C VAL A 198 7.40 24.91 -8.35
N LYS A 199 8.72 24.93 -8.33
CA LYS A 199 9.51 24.68 -9.53
C LYS A 199 9.65 23.17 -9.78
N SER A 200 9.88 22.76 -11.04
CA SER A 200 10.17 21.34 -11.27
C SER A 200 11.58 21.01 -10.89
N TYR A 201 11.80 19.73 -10.61
CA TYR A 201 13.11 19.20 -10.37
C TYR A 201 14.07 19.57 -11.51
N PRO A 202 15.30 20.02 -11.19
CA PRO A 202 16.00 20.00 -9.89
C PRO A 202 15.85 21.26 -9.03
N ASP A 203 14.98 22.18 -9.42
CA ASP A 203 14.85 23.48 -8.72
C ASP A 203 13.73 23.52 -7.69
N GLY A 204 12.96 22.44 -7.65
CA GLY A 204 11.82 22.31 -6.75
C GLY A 204 11.39 20.86 -6.79
N TRP A 205 10.26 20.56 -6.15
CA TRP A 205 9.85 19.16 -6.02
C TRP A 205 8.77 18.71 -7.00
N ASN A 206 8.50 19.53 -8.03
CA ASN A 206 7.49 19.19 -9.04
C ASN A 206 8.03 18.29 -10.16
N LEU A 207 7.10 17.60 -10.85
CA LEU A 207 7.45 16.74 -11.98
C LEU A 207 7.64 17.56 -13.25
N PRO A 208 8.82 17.44 -13.87
CA PRO A 208 9.02 18.03 -15.18
C PRO A 208 8.24 17.31 -16.30
N GLY A 209 8.12 17.98 -17.45
CA GLY A 209 7.35 17.44 -18.56
C GLY A 209 7.90 16.15 -19.14
N GLY A 210 9.20 15.92 -18.94
CA GLY A 210 9.83 14.65 -19.33
C GLY A 210 9.84 13.57 -18.27
N GLY A 211 9.35 13.88 -17.05
CA GLY A 211 9.30 12.88 -15.99
C GLY A 211 8.18 11.86 -16.21
N VAL A 212 8.40 10.63 -15.76
CA VAL A 212 7.43 9.56 -15.94
C VAL A 212 7.37 8.67 -14.70
N GLN A 213 6.16 8.25 -14.34
CA GLN A 213 5.91 7.38 -13.19
C GLN A 213 5.95 5.94 -13.67
N ARG A 214 6.96 5.21 -13.22
CA ARG A 214 6.99 3.75 -13.36
C ARG A 214 5.93 3.08 -12.48
N GLY A 215 5.64 1.82 -12.75
CA GLY A 215 4.88 1.06 -11.76
C GLY A 215 4.22 -0.17 -12.32
N ASN A 216 4.06 -1.18 -11.47
CA ASN A 216 3.42 -2.40 -11.99
C ASN A 216 1.92 -2.23 -12.19
N ILE A 217 1.36 -3.03 -13.09
CA ILE A 217 -0.05 -2.94 -13.46
C ILE A 217 -0.79 -4.26 -13.20
N LEU A 218 -0.25 -5.10 -12.32
CA LEU A 218 -0.89 -6.36 -11.96
C LEU A 218 -2.11 -6.16 -11.07
N ASN A 219 -3.04 -7.12 -11.12
CA ASN A 219 -4.11 -7.19 -10.14
C ASN A 219 -3.99 -8.52 -9.40
N LEU A 220 -3.04 -8.61 -8.46
CA LEU A 220 -2.71 -9.90 -7.81
C LEU A 220 -3.69 -10.30 -6.72
N ASN A 221 -4.45 -9.32 -6.22
CA ASN A 221 -5.39 -9.61 -5.06
C ASN A 221 -4.75 -10.42 -3.93
N GLY A 222 -3.53 -10.08 -3.62
CA GLY A 222 -2.87 -10.70 -2.50
C GLY A 222 -2.13 -12.01 -2.77
N ALA A 223 -2.02 -12.43 -4.03
CA ALA A 223 -1.43 -13.75 -4.31
C ALA A 223 0.08 -13.83 -4.08
N GLY A 224 0.77 -12.71 -4.22
CA GLY A 224 2.25 -12.72 -4.28
C GLY A 224 2.78 -13.13 -5.65
N ASP A 225 3.90 -13.86 -5.71
CA ASP A 225 4.42 -14.26 -7.04
C ASP A 225 3.30 -14.86 -7.91
N PRO A 226 3.13 -14.33 -9.14
CA PRO A 226 2.08 -14.78 -10.03
C PRO A 226 2.10 -16.29 -10.32
N LEU A 227 3.27 -16.93 -10.22
CA LEU A 227 3.39 -18.34 -10.61
C LEU A 227 3.20 -19.35 -9.48
N THR A 228 3.14 -18.88 -8.23
CA THR A 228 3.13 -19.80 -7.09
C THR A 228 2.13 -19.43 -5.99
N PRO A 229 0.88 -19.10 -6.37
CA PRO A 229 -0.06 -18.65 -5.34
C PRO A 229 -0.27 -19.73 -4.26
N GLY A 230 -0.11 -19.32 -3.01
CA GLY A 230 -0.34 -20.21 -1.85
C GLY A 230 0.92 -20.80 -1.24
N TYR A 231 2.03 -20.82 -1.99
CA TYR A 231 3.23 -21.55 -1.56
C TYR A 231 4.48 -20.72 -1.86
N PRO A 232 5.55 -20.89 -1.05
CA PRO A 232 6.73 -20.06 -1.35
C PRO A 232 7.46 -20.54 -2.63
N ALA A 233 7.97 -19.55 -3.36
CA ALA A 233 8.68 -19.77 -4.63
C ALA A 233 10.13 -20.20 -4.36
N ASN A 234 10.26 -21.31 -3.65
CA ASN A 234 11.55 -21.89 -3.25
C ASN A 234 12.16 -22.72 -4.39
N GLU A 235 13.22 -23.47 -4.08
CA GLU A 235 13.94 -24.18 -5.14
C GLU A 235 13.16 -25.26 -5.85
N TYR A 236 12.22 -25.90 -5.16
CA TYR A 236 11.51 -27.03 -5.77
C TYR A 236 10.07 -26.71 -6.13
N ALA A 237 9.73 -25.43 -6.09
CA ALA A 237 8.35 -25.01 -6.28
C ALA A 237 7.86 -25.42 -7.66
N TYR A 238 6.60 -25.85 -7.75
CA TYR A 238 5.97 -26.09 -9.04
C TYR A 238 5.37 -24.77 -9.45
N ARG A 239 5.60 -24.37 -10.68
CA ARG A 239 5.10 -23.08 -11.15
C ARG A 239 3.97 -23.25 -12.16
N ARG A 240 2.95 -22.40 -12.04
CA ARG A 240 1.97 -22.24 -13.11
C ARG A 240 2.67 -21.89 -14.40
N GLY A 241 2.10 -22.38 -15.50
CA GLY A 241 2.46 -21.90 -16.80
C GLY A 241 2.02 -20.45 -16.85
N ILE A 242 2.74 -19.65 -17.63
CA ILE A 242 2.40 -18.22 -17.79
C ILE A 242 0.90 -17.97 -18.16
N ALA A 243 0.31 -18.88 -18.93
CA ALA A 243 -1.11 -18.75 -19.30
C ALA A 243 -2.07 -18.82 -18.10
N GLU A 244 -1.60 -19.36 -16.97
CA GLU A 244 -2.43 -19.51 -15.77
C GLU A 244 -1.91 -18.60 -14.63
N ALA A 245 -0.92 -17.75 -14.94
CA ALA A 245 -0.34 -16.85 -13.93
C ALA A 245 -1.42 -15.93 -13.38
N VAL A 246 -1.24 -15.53 -12.13
CA VAL A 246 -2.22 -14.68 -11.47
C VAL A 246 -1.98 -13.23 -11.84
N GLY A 247 -3.06 -12.57 -12.27
CA GLY A 247 -3.11 -11.09 -12.28
C GLY A 247 -2.51 -10.33 -13.44
N LEU A 248 -2.06 -11.06 -14.49
CA LEU A 248 -1.42 -10.44 -15.66
C LEU A 248 -2.44 -9.78 -16.56
N PRO A 249 -2.12 -8.57 -17.05
CA PRO A 249 -3.01 -7.91 -18.00
C PRO A 249 -2.94 -8.52 -19.40
N SER A 250 -4.00 -8.36 -20.19
CA SER A 250 -4.05 -8.99 -21.50
C SER A 250 -3.80 -8.01 -22.65
N ILE A 251 -3.59 -6.75 -22.29
CA ILE A 251 -3.35 -5.69 -23.29
C ILE A 251 -2.11 -4.90 -22.91
N PRO A 252 -1.37 -4.38 -23.92
CA PRO A 252 -0.15 -3.63 -23.58
C PRO A 252 -0.43 -2.28 -22.90
N VAL A 253 0.51 -1.87 -22.03
CA VAL A 253 0.37 -0.65 -21.24
C VAL A 253 1.70 0.08 -21.19
N HIS A 254 1.69 1.42 -21.25
CA HIS A 254 2.94 2.16 -21.14
C HIS A 254 2.68 3.54 -20.55
N PRO A 255 3.61 4.05 -19.70
CA PRO A 255 3.42 5.36 -19.07
C PRO A 255 4.27 6.42 -19.80
N ILE A 256 3.75 7.65 -19.85
CA ILE A 256 4.48 8.77 -20.46
C ILE A 256 4.35 10.04 -19.59
N GLY A 257 5.16 11.06 -19.90
CA GLY A 257 5.16 12.33 -19.19
C GLY A 257 4.22 13.31 -19.87
N TYR A 258 4.04 14.50 -19.30
CA TYR A 258 3.05 15.41 -19.91
C TYR A 258 3.48 16.16 -21.18
N TYR A 259 4.78 16.27 -21.45
CA TYR A 259 5.18 16.77 -22.78
C TYR A 259 4.67 15.84 -23.87
N ASP A 260 4.86 14.53 -23.67
CA ASP A 260 4.44 13.56 -24.67
C ASP A 260 2.91 13.42 -24.71
N ALA A 261 2.27 13.46 -23.54
CA ALA A 261 0.82 13.35 -23.47
C ALA A 261 0.18 14.50 -24.23
N GLN A 262 0.74 15.70 -24.11
CA GLN A 262 0.18 16.84 -24.77
C GLN A 262 0.16 16.59 -26.29
N LYS A 263 1.24 16.00 -26.80
CA LYS A 263 1.28 15.68 -28.22
C LYS A 263 0.21 14.67 -28.68
N LEU A 264 -0.10 13.71 -27.81
CA LEU A 264 -1.15 12.71 -28.05
C LEU A 264 -2.57 13.28 -27.91
N LEU A 265 -2.78 14.15 -26.93
CA LEU A 265 -4.11 14.68 -26.64
C LEU A 265 -4.51 15.85 -27.51
N GLU A 266 -3.54 16.61 -28.02
CA GLU A 266 -3.90 17.89 -28.64
C GLU A 266 -4.74 17.76 -29.91
N LYS A 267 -4.60 16.62 -30.59
CA LYS A 267 -5.34 16.35 -31.81
C LYS A 267 -6.68 15.65 -31.59
N MET A 268 -7.01 15.31 -30.34
CA MET A 268 -8.26 14.60 -30.01
C MET A 268 -9.58 15.30 -30.39
N GLY A 269 -10.47 14.54 -31.02
CA GLY A 269 -11.78 15.03 -31.44
C GLY A 269 -12.93 14.27 -30.82
N GLY A 270 -13.99 14.03 -31.60
CA GLY A 270 -15.16 13.34 -31.08
C GLY A 270 -15.83 14.23 -30.04
N SER A 271 -16.31 13.63 -28.96
CA SER A 271 -17.12 14.32 -27.97
C SER A 271 -16.30 15.21 -27.03
N ALA A 272 -16.84 16.36 -26.66
CA ALA A 272 -16.29 17.21 -25.60
C ALA A 272 -16.21 16.45 -24.24
N PRO A 273 -15.28 16.85 -23.34
CA PRO A 273 -15.29 16.24 -22.01
C PRO A 273 -16.68 16.52 -21.38
N PRO A 274 -17.21 15.57 -20.60
CA PRO A 274 -18.60 15.75 -20.14
C PRO A 274 -18.78 16.86 -19.12
N ASP A 275 -17.70 17.23 -18.43
CA ASP A 275 -17.70 18.30 -17.43
C ASP A 275 -16.26 18.62 -17.02
N SER A 276 -16.09 19.62 -16.15
CA SER A 276 -14.77 20.11 -15.80
C SER A 276 -13.89 19.13 -14.99
N SER A 277 -14.51 18.15 -14.30
CA SER A 277 -13.76 17.12 -13.56
C SER A 277 -12.98 16.17 -14.47
N TRP A 278 -13.23 16.29 -15.78
CA TRP A 278 -12.50 15.51 -16.80
C TRP A 278 -11.33 16.30 -17.39
N ARG A 279 -11.24 17.60 -17.08
CA ARG A 279 -10.17 18.45 -17.63
C ARG A 279 -8.99 18.60 -16.67
N GLY A 280 -7.79 18.27 -17.17
CA GLY A 280 -6.55 18.53 -16.44
C GLY A 280 -6.07 19.93 -16.77
N SER A 281 -4.77 20.17 -16.60
CA SER A 281 -4.20 21.52 -16.73
C SER A 281 -3.44 21.77 -18.02
N LEU A 282 -3.36 20.78 -18.91
CA LEU A 282 -2.69 21.02 -20.18
C LEU A 282 -3.54 21.88 -21.11
N LYS A 283 -2.89 22.52 -22.07
CA LYS A 283 -3.59 23.39 -23.00
C LYS A 283 -4.14 22.56 -24.15
N VAL A 284 -5.06 21.66 -23.81
CA VAL A 284 -5.79 20.83 -24.78
C VAL A 284 -7.28 20.81 -24.38
N PRO A 285 -8.16 20.39 -25.31
CA PRO A 285 -9.61 20.40 -25.03
C PRO A 285 -10.05 19.28 -24.08
N TYR A 286 -9.23 18.24 -23.98
CA TYR A 286 -9.59 17.01 -23.24
C TYR A 286 -10.82 16.35 -23.85
N ASN A 287 -10.91 16.42 -25.19
CA ASN A 287 -11.94 15.69 -25.91
C ASN A 287 -11.81 14.21 -25.66
N VAL A 288 -12.95 13.54 -25.58
CA VAL A 288 -12.95 12.14 -25.19
C VAL A 288 -12.63 11.25 -26.40
N GLY A 289 -12.84 11.77 -27.61
CA GLY A 289 -12.67 10.97 -28.81
C GLY A 289 -13.96 10.26 -29.17
N PRO A 290 -13.89 9.10 -29.84
CA PRO A 290 -12.69 8.39 -30.30
C PRO A 290 -12.00 9.10 -31.47
N GLY A 291 -10.68 8.99 -31.52
CA GLY A 291 -9.89 9.47 -32.65
C GLY A 291 -9.61 10.97 -32.65
N PHE A 292 -8.99 11.43 -33.75
CA PHE A 292 -8.49 12.79 -33.88
C PHE A 292 -9.46 13.68 -34.67
N THR A 293 -9.32 14.99 -34.55
CA THR A 293 -10.16 15.95 -35.31
C THR A 293 -9.93 15.88 -36.83
N GLY A 294 -10.94 16.31 -37.59
CA GLY A 294 -11.02 16.16 -39.06
C GLY A 294 -9.75 16.02 -39.89
N ASN A 295 -8.85 16.99 -39.79
CA ASN A 295 -7.62 16.97 -40.58
C ASN A 295 -6.69 15.81 -40.26
N PHE A 296 -6.75 15.32 -39.03
CA PHE A 296 -5.86 14.26 -38.60
C PHE A 296 -6.61 12.95 -38.40
N SER A 297 -7.82 12.87 -38.95
CA SER A 297 -8.73 11.75 -38.68
C SER A 297 -8.18 10.40 -39.13
N THR A 298 -7.26 10.44 -40.09
CA THR A 298 -6.66 9.22 -40.65
C THR A 298 -5.36 8.81 -39.99
N GLN A 299 -4.87 9.61 -39.05
CA GLN A 299 -3.72 9.22 -38.23
C GLN A 299 -4.20 8.31 -37.12
N LYS A 300 -3.27 7.51 -36.60
CA LYS A 300 -3.56 6.56 -35.53
C LYS A 300 -2.46 6.65 -34.47
N VAL A 301 -2.70 5.97 -33.35
CA VAL A 301 -1.68 5.82 -32.34
C VAL A 301 -1.21 4.36 -32.34
N LYS A 302 0.09 4.17 -32.26
CA LYS A 302 0.65 2.82 -32.26
C LYS A 302 1.56 2.65 -31.06
N MET A 303 1.32 1.60 -30.29
CA MET A 303 2.19 1.26 -29.15
C MET A 303 3.24 0.25 -29.62
N HIS A 304 4.43 0.26 -29.03
CA HIS A 304 5.45 -0.75 -29.31
C HIS A 304 5.99 -1.23 -27.97
N ILE A 305 5.48 -2.38 -27.50
CA ILE A 305 5.89 -2.86 -26.16
C ILE A 305 6.56 -4.21 -26.28
N HIS A 306 7.78 -4.31 -25.75
CA HIS A 306 8.61 -5.50 -25.94
C HIS A 306 9.22 -6.05 -24.64
N SER A 307 8.66 -5.58 -23.54
CA SER A 307 9.07 -6.02 -22.19
C SER A 307 8.91 -7.52 -22.06
N THR A 308 9.70 -8.14 -21.18
CA THR A 308 9.59 -9.58 -20.94
C THR A 308 9.42 -9.92 -19.49
N ASN A 309 8.68 -10.99 -19.25
CA ASN A 309 8.52 -11.46 -17.87
C ASN A 309 9.56 -12.55 -17.68
N GLU A 310 10.22 -12.56 -16.54
CA GLU A 310 11.42 -13.40 -16.32
C GLU A 310 11.44 -13.86 -14.87
N VAL A 311 11.54 -15.17 -14.62
CA VAL A 311 11.70 -15.64 -13.21
C VAL A 311 13.11 -15.24 -12.76
N THR A 312 13.18 -14.57 -11.60
CA THR A 312 14.40 -13.89 -11.18
C THR A 312 14.53 -14.04 -9.66
N ARG A 313 15.76 -14.19 -9.17
CA ARG A 313 15.98 -14.36 -7.73
C ARG A 313 15.87 -13.01 -7.00
N ILE A 314 15.20 -13.02 -5.84
CA ILE A 314 15.06 -11.84 -4.97
C ILE A 314 15.51 -12.25 -3.57
N TYR A 315 15.84 -11.26 -2.74
CA TYR A 315 16.44 -11.52 -1.43
C TYR A 315 15.85 -10.64 -0.35
N ASN A 316 15.23 -11.25 0.67
CA ASN A 316 14.82 -10.48 1.85
C ASN A 316 15.92 -10.56 2.88
N VAL A 317 16.16 -9.50 3.65
CA VAL A 317 17.04 -9.63 4.84
C VAL A 317 16.11 -9.75 6.05
N ILE A 318 16.34 -10.77 6.87
CA ILE A 318 15.51 -11.03 8.07
C ILE A 318 16.41 -11.04 9.30
N GLY A 319 16.22 -10.06 10.17
CA GLY A 319 17.02 -9.91 11.42
C GLY A 319 16.18 -10.26 12.62
N THR A 320 16.76 -10.94 13.60
CA THR A 320 16.00 -11.36 14.78
C THR A 320 16.64 -10.76 16.03
N LEU A 321 15.81 -10.19 16.90
CA LEU A 321 16.24 -9.82 18.25
C LEU A 321 15.41 -10.65 19.20
N ARG A 322 16.00 -11.71 19.75
CA ARG A 322 15.24 -12.67 20.56
C ARG A 322 14.67 -12.05 21.85
N GLY A 323 13.39 -12.33 22.13
CA GLY A 323 12.76 -11.88 23.37
C GLY A 323 13.26 -12.58 24.61
N ALA A 324 13.33 -11.83 25.70
CA ALA A 324 13.83 -12.37 26.99
C ALA A 324 12.84 -13.27 27.70
N VAL A 325 11.55 -13.00 27.47
CA VAL A 325 10.48 -13.67 28.27
C VAL A 325 9.52 -14.46 27.36
N GLU A 326 9.09 -13.82 26.27
CA GLU A 326 8.22 -14.46 25.27
C GLU A 326 8.88 -14.50 23.89
N PRO A 327 9.95 -15.33 23.73
CA PRO A 327 10.63 -15.39 22.46
C PRO A 327 9.77 -15.96 21.35
N ASP A 328 8.69 -16.66 21.71
CA ASP A 328 7.77 -17.18 20.69
C ASP A 328 6.63 -16.24 20.37
N ARG A 329 6.82 -14.96 20.61
CA ARG A 329 5.85 -13.93 20.20
C ARG A 329 6.61 -12.93 19.36
N TYR A 330 6.11 -12.62 18.18
CA TYR A 330 6.90 -11.84 17.22
C TYR A 330 6.25 -10.50 16.94
N VAL A 331 7.05 -9.44 17.05
CA VAL A 331 6.65 -8.11 16.65
C VAL A 331 7.55 -7.83 15.44
N ILE A 332 6.93 -7.48 14.31
CA ILE A 332 7.69 -7.38 13.07
C ILE A 332 7.71 -5.94 12.58
N LEU A 333 8.92 -5.42 12.29
CA LEU A 333 9.08 -4.13 11.62
C LEU A 333 9.62 -4.43 10.24
N GLY A 334 8.85 -4.15 9.20
CA GLY A 334 9.30 -4.49 7.85
C GLY A 334 9.10 -3.37 6.85
N GLY A 335 10.01 -3.23 5.89
CA GLY A 335 9.79 -2.30 4.78
C GLY A 335 10.71 -2.76 3.66
N HIS A 336 10.42 -2.32 2.45
CA HIS A 336 11.18 -2.80 1.31
C HIS A 336 12.43 -2.00 1.00
N ARG A 337 13.27 -2.61 0.17
CA ARG A 337 14.58 -2.08 -0.18
C ARG A 337 14.72 -1.88 -1.67
N ASP A 338 13.98 -2.64 -2.48
CA ASP A 338 14.06 -2.49 -3.95
C ASP A 338 13.42 -1.17 -4.33
N SER A 339 13.95 -0.53 -5.36
CA SER A 339 13.42 0.74 -5.82
C SER A 339 13.27 0.70 -7.34
N TRP A 340 12.49 1.63 -7.89
CA TRP A 340 12.44 1.72 -9.36
C TRP A 340 13.75 2.26 -9.92
N VAL A 341 14.23 3.37 -9.37
CA VAL A 341 15.56 3.91 -9.72
C VAL A 341 16.33 4.15 -8.40
N PHE A 342 16.55 5.41 -8.02
CA PHE A 342 17.36 5.69 -6.83
C PHE A 342 16.61 5.56 -5.52
N GLY A 343 15.29 5.63 -5.58
CA GLY A 343 14.47 5.44 -4.34
C GLY A 343 14.70 6.46 -3.23
N GLY A 344 14.95 7.73 -3.60
CA GLY A 344 15.24 8.79 -2.62
C GLY A 344 14.16 8.86 -1.54
N ILE A 345 12.90 8.80 -1.97
CA ILE A 345 11.81 8.71 -1.00
C ILE A 345 11.38 7.25 -0.88
N ASP A 346 10.99 6.66 -2.00
CA ASP A 346 10.37 5.30 -1.99
C ASP A 346 11.42 4.28 -2.51
N PRO A 347 11.99 3.43 -1.64
CA PRO A 347 11.65 3.26 -0.22
C PRO A 347 12.73 3.75 0.72
N GLN A 348 13.81 4.33 0.20
CA GLN A 348 14.98 4.45 1.09
C GLN A 348 14.81 5.43 2.27
N SER A 349 13.88 6.38 2.17
CA SER A 349 13.55 7.24 3.33
C SER A 349 12.96 6.40 4.47
N GLY A 350 12.30 5.30 4.11
CA GLY A 350 11.78 4.36 5.09
C GLY A 350 12.88 3.40 5.55
N ALA A 351 13.65 2.88 4.60
CA ALA A 351 14.71 1.92 4.94
C ALA A 351 15.80 2.52 5.82
N ALA A 352 16.10 3.82 5.62
CA ALA A 352 17.08 4.50 6.45
C ALA A 352 16.57 4.63 7.87
N VAL A 353 15.25 4.81 8.00
CA VAL A 353 14.62 4.88 9.32
C VAL A 353 14.67 3.50 10.00
N VAL A 354 14.36 2.43 9.26
CA VAL A 354 14.48 1.08 9.83
C VAL A 354 15.92 0.82 10.30
N HIS A 355 16.90 1.23 9.48
CA HIS A 355 18.31 0.99 9.79
C HIS A 355 18.66 1.66 11.14
N GLU A 356 18.21 2.88 11.35
CA GLU A 356 18.53 3.60 12.59
C GLU A 356 17.79 2.99 13.78
N ILE A 357 16.57 2.48 13.53
CA ILE A 357 15.80 1.75 14.56
C ILE A 357 16.52 0.49 15.02
N VAL A 358 17.01 -0.28 14.05
CA VAL A 358 17.83 -1.47 14.36
C VAL A 358 19.07 -1.07 15.17
N ARG A 359 19.77 -0.04 14.71
CA ARG A 359 20.97 0.44 15.42
C ARG A 359 20.64 0.79 16.86
N SER A 360 19.53 1.51 17.07
CA SER A 360 19.11 1.87 18.43
C SER A 360 18.79 0.67 19.31
N PHE A 361 17.98 -0.26 18.81
CA PHE A 361 17.67 -1.48 19.58
C PHE A 361 18.93 -2.26 19.87
N GLY A 362 19.84 -2.30 18.90
CA GLY A 362 21.11 -3.00 19.09
C GLY A 362 22.00 -2.36 20.15
N THR A 363 21.95 -1.03 20.27
CA THR A 363 22.72 -0.33 21.30
C THR A 363 22.27 -0.78 22.70
N LEU A 364 20.94 -0.86 22.90
CA LEU A 364 20.38 -1.30 24.17
C LEU A 364 20.76 -2.77 24.40
N LYS A 365 20.67 -3.60 23.35
CA LYS A 365 21.06 -5.00 23.45
C LYS A 365 22.51 -5.17 23.93
N LYS A 366 23.41 -4.34 23.38
CA LYS A 366 24.85 -4.46 23.72
C LYS A 366 25.11 -4.10 25.17
N GLU A 367 24.20 -3.34 25.77
CA GLU A 367 24.24 -3.01 27.21
C GLU A 367 23.54 -4.03 28.12
N GLY A 368 23.04 -5.12 27.56
CA GLY A 368 22.40 -6.16 28.34
C GLY A 368 20.89 -6.22 28.31
N TRP A 369 20.26 -5.31 27.56
CA TRP A 369 18.80 -5.30 27.47
C TRP A 369 18.31 -6.25 26.36
N ARG A 370 17.15 -6.84 26.59
CA ARG A 370 16.41 -7.50 25.51
C ARG A 370 14.97 -7.13 25.67
N PRO A 371 14.23 -7.06 24.55
CA PRO A 371 12.80 -6.85 24.60
C PRO A 371 12.11 -8.05 25.23
N ARG A 372 10.94 -7.83 25.77
CA ARG A 372 10.14 -8.95 26.32
C ARG A 372 9.85 -10.01 25.24
N ARG A 373 9.33 -9.54 24.13
CA ARG A 373 8.98 -10.40 22.97
C ARG A 373 10.06 -10.27 21.90
N THR A 374 10.11 -11.24 21.01
CA THR A 374 11.01 -11.21 19.85
C THR A 374 10.61 -10.12 18.87
N ILE A 375 11.62 -9.38 18.41
CA ILE A 375 11.40 -8.44 17.32
C ILE A 375 12.08 -8.98 16.07
N LEU A 376 11.32 -9.01 14.97
CA LEU A 376 11.87 -9.37 13.67
C LEU A 376 11.92 -8.10 12.84
N PHE A 377 13.05 -7.94 12.15
CA PHE A 377 13.26 -6.80 11.26
C PHE A 377 13.41 -7.33 9.84
N ALA A 378 12.76 -6.68 8.87
CA ALA A 378 12.78 -7.19 7.50
C ALA A 378 13.08 -6.06 6.51
N SER A 379 14.00 -6.36 5.59
CA SER A 379 14.26 -5.57 4.40
C SER A 379 13.72 -6.40 3.22
N TRP A 380 12.52 -6.06 2.76
CA TRP A 380 11.85 -6.86 1.74
C TRP A 380 12.33 -6.54 0.35
N ASP A 381 12.29 -7.56 -0.52
CA ASP A 381 12.63 -7.35 -1.93
C ASP A 381 11.37 -7.38 -2.78
N ALA A 382 11.49 -6.80 -3.98
CA ALA A 382 10.47 -6.87 -5.04
C ALA A 382 9.10 -6.40 -4.55
N GLU A 383 9.09 -5.43 -3.63
CA GLU A 383 7.79 -4.84 -3.28
C GLU A 383 7.19 -4.15 -4.51
N GLU A 384 8.04 -3.53 -5.34
CA GLU A 384 7.54 -2.74 -6.44
C GLU A 384 6.86 -3.61 -7.51
N PHE A 385 7.16 -4.91 -7.48
CA PHE A 385 6.56 -5.81 -8.46
C PHE A 385 5.35 -6.55 -7.90
N GLY A 386 4.84 -6.09 -6.74
CA GLY A 386 3.59 -6.66 -6.19
C GLY A 386 3.74 -7.35 -4.83
N LEU A 387 4.57 -6.77 -3.98
CA LEU A 387 4.75 -7.30 -2.61
C LEU A 387 5.34 -8.71 -2.66
N LEU A 388 6.24 -8.96 -3.61
CA LEU A 388 6.61 -10.37 -3.85
C LEU A 388 7.47 -10.94 -2.71
N GLY A 389 8.43 -10.16 -2.23
CA GLY A 389 9.34 -10.64 -1.16
C GLY A 389 8.62 -10.89 0.16
N SER A 390 7.81 -9.93 0.59
CA SER A 390 7.10 -10.09 1.87
C SER A 390 6.11 -11.25 1.77
N THR A 391 5.43 -11.34 0.62
CA THR A 391 4.36 -12.33 0.49
C THR A 391 4.96 -13.73 0.41
N GLU A 392 6.04 -13.93 -0.34
CA GLU A 392 6.64 -15.29 -0.41
C GLU A 392 7.16 -15.71 0.96
N TRP A 393 7.77 -14.77 1.70
CA TRP A 393 8.29 -15.09 3.02
C TRP A 393 7.13 -15.42 3.99
N ALA A 394 6.03 -14.67 3.90
CA ALA A 394 4.89 -14.95 4.77
C ALA A 394 4.27 -16.30 4.36
N GLU A 395 4.23 -16.61 3.06
CA GLU A 395 3.76 -17.97 2.66
C GLU A 395 4.63 -19.09 3.23
N GLU A 396 5.95 -18.87 3.21
N GLU A 396 5.95 -18.90 3.20
CA GLU A 396 6.85 -19.89 3.72
CA GLU A 396 6.87 -19.88 3.78
C GLU A 396 6.64 -20.07 5.25
C GLU A 396 6.57 -20.09 5.26
N ASN A 397 6.41 -18.96 5.96
CA ASN A 397 6.36 -18.93 7.41
C ASN A 397 4.96 -18.76 8.02
N SER A 398 3.94 -19.04 7.22
CA SER A 398 2.55 -18.72 7.62
C SER A 398 2.18 -19.38 8.96
N ARG A 399 2.61 -20.62 9.20
CA ARG A 399 2.22 -21.32 10.47
C ARG A 399 2.87 -20.65 11.68
N LEU A 400 4.12 -20.20 11.54
CA LEU A 400 4.79 -19.52 12.65
C LEU A 400 4.08 -18.16 12.86
N LEU A 401 3.75 -17.49 11.77
CA LEU A 401 3.17 -16.13 11.87
C LEU A 401 1.76 -16.17 12.43
N GLN A 402 0.98 -17.15 11.95
N GLN A 402 0.91 -17.09 12.00
CA GLN A 402 -0.40 -17.48 12.42
CA GLN A 402 -0.44 -17.03 12.53
C GLN A 402 -0.45 -17.53 13.94
C GLN A 402 -0.56 -17.60 13.98
N GLU A 403 0.44 -18.35 14.48
CA GLU A 403 0.34 -18.77 15.87
C GLU A 403 1.16 -17.88 16.79
N ARG A 404 2.07 -17.07 16.22
CA ARG A 404 3.03 -16.31 17.08
C ARG A 404 3.05 -14.83 16.78
N GLY A 405 2.40 -14.40 15.70
CA GLY A 405 2.57 -13.00 15.24
C GLY A 405 1.69 -12.04 16.05
N VAL A 406 2.34 -11.13 16.78
CA VAL A 406 1.64 -10.12 17.53
C VAL A 406 1.19 -8.94 16.68
N ALA A 407 2.13 -8.38 15.91
CA ALA A 407 1.86 -7.15 15.16
C ALA A 407 2.89 -6.99 14.08
N TYR A 408 2.49 -6.26 13.05
CA TYR A 408 3.39 -5.90 11.95
C TYR A 408 3.30 -4.39 11.76
N ILE A 409 4.45 -3.73 11.78
CA ILE A 409 4.53 -2.29 11.50
C ILE A 409 5.31 -2.13 10.19
N ASN A 410 4.69 -1.50 9.20
CA ASN A 410 5.33 -1.26 7.91
C ASN A 410 6.28 -0.06 7.98
N ALA A 411 7.19 0.00 7.03
CA ALA A 411 8.18 1.08 7.01
C ALA A 411 8.68 1.34 5.60
N ASP A 412 7.75 1.72 4.70
CA ASP A 412 8.13 2.26 3.41
C ASP A 412 8.37 3.78 3.63
N SER A 413 8.26 4.56 2.55
N SER A 413 8.23 4.59 2.58
CA SER A 413 8.60 5.98 2.59
CA SER A 413 8.60 6.01 2.57
C SER A 413 8.23 6.65 3.93
C SER A 413 8.20 6.84 3.81
N SER A 414 9.19 7.35 4.53
CA SER A 414 8.95 8.04 5.82
C SER A 414 8.25 9.37 5.60
N ILE A 415 8.39 9.92 4.39
CA ILE A 415 7.90 11.27 4.08
C ILE A 415 7.31 11.24 2.69
N GLU A 416 6.19 11.92 2.51
N GLU A 416 6.19 11.92 2.51
CA GLU A 416 5.66 12.21 1.20
CA GLU A 416 5.66 12.21 1.20
C GLU A 416 5.26 13.68 1.19
C GLU A 416 5.26 13.68 1.19
N GLY A 417 5.67 14.38 2.25
CA GLY A 417 5.39 15.81 2.42
C GLY A 417 5.97 16.21 3.78
N ASN A 418 5.73 17.42 4.21
CA ASN A 418 6.29 17.90 5.47
C ASN A 418 5.26 18.64 6.32
N TYR A 419 4.00 18.29 6.16
CA TYR A 419 2.88 19.01 6.81
C TYR A 419 2.46 18.36 8.13
N THR A 420 2.11 17.08 8.10
CA THR A 420 1.66 16.44 9.34
C THR A 420 1.78 14.92 9.23
N LEU A 421 1.48 14.24 10.33
CA LEU A 421 1.46 12.77 10.33
C LEU A 421 0.27 12.16 9.58
N ARG A 422 0.50 11.01 8.98
N ARG A 422 0.49 11.00 8.98
CA ARG A 422 -0.53 10.20 8.32
CA ARG A 422 -0.54 10.19 8.33
C ARG A 422 -0.43 8.79 8.90
N VAL A 423 -1.55 8.23 9.35
CA VAL A 423 -1.51 6.87 9.95
C VAL A 423 -2.68 6.04 9.47
N ASP A 424 -2.41 4.78 9.09
CA ASP A 424 -3.46 3.78 8.83
C ASP A 424 -3.11 2.61 9.70
N CYS A 425 -4.09 2.05 10.41
CA CYS A 425 -3.79 0.89 11.27
C CYS A 425 -5.07 0.23 11.69
N THR A 426 -4.94 -0.97 12.23
CA THR A 426 -6.10 -1.62 12.81
C THR A 426 -6.63 -0.81 14.02
N PRO A 427 -7.94 -0.89 14.26
CA PRO A 427 -8.49 -0.22 15.46
C PRO A 427 -7.76 -0.67 16.75
N LEU A 428 -7.22 -1.90 16.75
CA LEU A 428 -6.54 -2.39 17.95
C LEU A 428 -5.35 -1.53 18.35
N MET A 429 -4.79 -0.76 17.42
CA MET A 429 -3.64 0.08 17.73
C MET A 429 -4.01 1.57 17.89
N TYR A 430 -5.28 1.96 17.82
CA TYR A 430 -5.60 3.40 17.91
C TYR A 430 -5.08 3.99 19.21
N SER A 431 -5.35 3.28 20.30
CA SER A 431 -5.00 3.82 21.65
C SER A 431 -3.50 3.93 21.83
N LEU A 432 -2.78 2.94 21.33
CA LEU A 432 -1.32 2.94 21.34
C LEU A 432 -0.79 4.16 20.58
N VAL A 433 -1.33 4.41 19.39
CA VAL A 433 -0.87 5.56 18.57
C VAL A 433 -1.19 6.88 19.26
N HIS A 434 -2.41 7.01 19.80
CA HIS A 434 -2.74 8.25 20.53
C HIS A 434 -1.77 8.48 21.70
N ASN A 435 -1.59 7.44 22.52
CA ASN A 435 -0.73 7.58 23.70
C ASN A 435 0.73 7.88 23.32
N LEU A 436 1.23 7.18 22.29
CA LEU A 436 2.62 7.41 21.89
C LEU A 436 2.82 8.84 21.38
N THR A 437 1.95 9.27 20.50
CA THR A 437 2.10 10.63 19.91
C THR A 437 1.92 11.76 20.93
N LYS A 438 1.23 11.49 22.05
CA LYS A 438 1.16 12.49 23.13
C LYS A 438 2.48 12.64 23.89
N GLU A 439 3.37 11.65 23.78
CA GLU A 439 4.66 11.63 24.46
C GLU A 439 5.83 12.05 23.58
N LEU A 440 5.58 12.21 22.28
CA LEU A 440 6.59 12.65 21.31
C LEU A 440 6.49 14.15 21.02
N LYS A 441 7.62 14.77 20.73
CA LYS A 441 7.68 16.21 20.43
C LYS A 441 7.22 16.45 18.99
N SER A 442 6.44 17.50 18.76
CA SER A 442 6.12 17.89 17.39
C SER A 442 7.34 18.52 16.73
N PRO A 443 7.65 18.11 15.49
CA PRO A 443 8.78 18.72 14.76
C PRO A 443 8.30 19.95 13.98
N ASP A 444 7.02 20.29 14.08
CA ASP A 444 6.41 21.28 13.16
C ASP A 444 6.72 22.70 13.59
N GLU A 445 6.95 23.55 12.59
CA GLU A 445 7.06 25.00 12.83
C GLU A 445 5.77 25.52 13.50
N GLY A 446 5.91 26.30 14.57
CA GLY A 446 4.74 26.86 15.26
C GLY A 446 4.22 26.00 16.41
N PHE A 447 4.74 24.77 16.51
CA PHE A 447 4.35 23.82 17.58
C PHE A 447 5.54 23.42 18.43
N GLU A 448 6.57 24.27 18.49
CA GLU A 448 7.73 23.94 19.32
C GLU A 448 7.28 23.81 20.78
N GLY A 449 7.69 22.72 21.43
CA GLY A 449 7.27 22.48 22.81
C GLY A 449 5.90 21.82 22.95
N LYS A 450 5.24 21.54 21.82
CA LYS A 450 3.97 20.86 21.84
C LYS A 450 4.16 19.42 21.43
N SER A 451 3.18 18.58 21.73
CA SER A 451 3.24 17.18 21.36
C SER A 451 2.95 16.96 19.88
N LEU A 452 3.40 15.84 19.36
CA LEU A 452 3.04 15.44 18.01
C LEU A 452 1.51 15.21 17.95
N TYR A 453 0.93 14.63 19.00
CA TYR A 453 -0.52 14.46 19.03
C TYR A 453 -1.23 15.81 18.81
N GLU A 454 -0.76 16.87 19.48
CA GLU A 454 -1.38 18.20 19.36
C GLU A 454 -1.31 18.74 17.94
N SER A 455 -0.10 18.69 17.34
CA SER A 455 0.06 19.21 15.98
C SER A 455 -0.73 18.38 14.96
N TRP A 456 -0.65 17.05 15.08
CA TRP A 456 -1.33 16.16 14.17
C TRP A 456 -2.87 16.34 14.28
N THR A 457 -3.39 16.43 15.50
CA THR A 457 -4.82 16.59 15.68
C THR A 457 -5.31 17.94 15.12
N LYS A 458 -4.49 18.98 15.28
CA LYS A 458 -4.84 20.29 14.74
C LYS A 458 -4.88 20.24 13.21
N LYS A 459 -3.89 19.60 12.59
CA LYS A 459 -3.75 19.63 11.14
C LYS A 459 -4.58 18.60 10.39
N SER A 460 -4.92 17.50 11.06
CA SER A 460 -5.66 16.39 10.46
C SER A 460 -6.74 15.88 11.42
N PRO A 461 -7.78 16.70 11.65
CA PRO A 461 -8.79 16.37 12.64
C PRO A 461 -9.58 15.15 12.20
N SER A 462 -9.94 14.32 13.16
CA SER A 462 -10.89 13.26 12.95
C SER A 462 -12.20 13.80 12.40
N PRO A 463 -12.75 13.15 11.36
CA PRO A 463 -14.08 13.56 10.83
C PRO A 463 -15.23 13.30 11.81
N GLU A 464 -15.04 12.36 12.75
N GLU A 464 -15.05 12.36 12.74
CA GLU A 464 -16.09 12.03 13.72
CA GLU A 464 -16.07 12.08 13.74
C GLU A 464 -15.92 12.54 15.17
C GLU A 464 -15.84 12.87 15.03
N PHE A 465 -14.69 12.65 15.66
CA PHE A 465 -14.46 13.11 17.04
C PHE A 465 -13.64 14.37 17.20
N SER A 466 -14.21 15.30 17.94
CA SER A 466 -13.53 16.52 18.33
C SER A 466 -12.31 16.16 19.19
N GLY A 467 -11.16 16.74 18.85
CA GLY A 467 -9.98 16.61 19.71
C GLY A 467 -9.16 15.35 19.49
N MET A 468 -9.53 14.61 18.44
CA MET A 468 -8.81 13.42 17.97
C MET A 468 -8.29 13.59 16.55
N PRO A 469 -7.18 12.91 16.20
CA PRO A 469 -6.67 12.95 14.84
C PRO A 469 -7.29 11.91 13.92
N ARG A 470 -7.14 12.07 12.60
CA ARG A 470 -7.64 11.12 11.64
C ARG A 470 -6.70 9.91 11.57
N ILE A 471 -7.26 8.72 11.69
CA ILE A 471 -6.55 7.48 11.34
C ILE A 471 -7.39 6.69 10.35
N SER A 472 -6.78 6.24 9.25
CA SER A 472 -7.52 5.61 8.18
C SER A 472 -7.44 4.10 8.26
N LYS A 473 -8.22 3.46 7.38
N LYS A 473 -8.34 3.39 7.59
CA LYS A 473 -8.30 2.00 7.25
CA LYS A 473 -8.21 1.94 7.60
C LYS A 473 -7.13 1.53 6.43
C LYS A 473 -7.02 1.63 6.71
N LEU A 474 -6.56 0.38 6.79
CA LEU A 474 -5.51 -0.19 5.94
C LEU A 474 -6.13 -0.68 4.66
N GLY A 475 -5.50 -0.38 3.54
CA GLY A 475 -5.90 -1.07 2.29
C GLY A 475 -4.83 -2.02 1.74
N SER A 476 -4.30 -1.67 0.57
CA SER A 476 -3.16 -2.39 0.10
C SER A 476 -2.20 -1.42 -0.59
N GLY A 477 -1.30 -1.96 -1.41
CA GLY A 477 -0.29 -1.10 -2.02
C GLY A 477 1.04 -1.16 -1.27
N ASN A 478 1.09 -1.96 -0.20
CA ASN A 478 2.38 -2.09 0.54
C ASN A 478 2.48 -3.40 1.31
N ASP A 479 3.64 -3.63 1.94
CA ASP A 479 4.05 -4.97 2.38
C ASP A 479 3.29 -5.51 3.60
N PHE A 480 2.48 -4.68 4.26
CA PHE A 480 1.63 -5.20 5.34
C PHE A 480 0.50 -6.09 4.80
N GLU A 481 0.25 -6.10 3.48
CA GLU A 481 -0.99 -6.72 2.98
C GLU A 481 -1.09 -8.19 3.38
N VAL A 482 -0.03 -8.96 3.16
CA VAL A 482 -0.16 -10.39 3.49
C VAL A 482 -0.41 -10.62 5.00
N PHE A 483 0.26 -9.81 5.82
CA PHE A 483 0.18 -9.98 7.27
C PHE A 483 -1.21 -9.66 7.77
N PHE A 484 -1.78 -8.59 7.23
CA PHE A 484 -3.10 -8.11 7.71
C PHE A 484 -4.27 -8.81 7.02
N GLN A 485 -4.37 -8.66 5.70
CA GLN A 485 -5.56 -9.17 5.00
C GLN A 485 -5.55 -10.70 4.77
N ARG A 486 -4.37 -11.33 4.65
CA ARG A 486 -4.35 -12.77 4.53
C ARG A 486 -4.26 -13.47 5.87
N LEU A 487 -3.32 -13.01 6.71
CA LEU A 487 -3.07 -13.75 7.96
C LEU A 487 -3.76 -13.24 9.20
N GLY A 488 -4.27 -12.01 9.17
CA GLY A 488 -5.02 -11.48 10.32
C GLY A 488 -4.10 -11.13 11.47
N ILE A 489 -2.93 -10.55 11.16
CA ILE A 489 -2.02 -10.02 12.21
C ILE A 489 -2.21 -8.50 12.27
N ALA A 490 -2.47 -7.98 13.49
CA ALA A 490 -2.67 -6.52 13.71
C ALA A 490 -1.54 -5.75 13.04
N SER A 491 -1.88 -4.78 12.20
CA SER A 491 -0.87 -4.06 11.43
C SER A 491 -1.05 -2.55 11.48
N GLY A 492 0.03 -1.81 11.25
CA GLY A 492 -0.06 -0.35 11.18
C GLY A 492 1.03 0.23 10.32
N ARG A 493 0.85 1.50 9.97
CA ARG A 493 1.84 2.23 9.17
C ARG A 493 1.69 3.73 9.51
N ALA A 494 2.76 4.48 9.36
CA ALA A 494 2.73 5.93 9.64
C ALA A 494 3.84 6.62 8.87
N ARG A 495 3.58 7.86 8.46
N ARG A 495 3.52 7.79 8.32
N ARG A 495 3.53 7.82 8.36
CA ARG A 495 4.60 8.66 7.77
CA ARG A 495 4.53 8.64 7.65
CA ARG A 495 4.51 8.63 7.63
C ARG A 495 4.14 10.08 7.64
C ARG A 495 4.17 10.11 7.80
C ARG A 495 4.16 10.10 7.77
N TYR A 496 5.10 10.97 7.39
CA TYR A 496 4.80 12.39 7.25
C TYR A 496 4.24 12.64 5.85
N THR A 497 3.23 13.50 5.79
CA THR A 497 2.47 13.72 4.55
C THR A 497 2.24 15.22 4.26
N LYS A 498 1.64 15.46 3.09
CA LYS A 498 1.28 16.81 2.60
C LYS A 498 -0.09 17.23 3.09
N ASN A 499 -0.47 18.46 2.74
CA ASN A 499 -1.82 18.94 2.97
C ASN A 499 -2.86 18.51 1.90
N ASN A 503 -5.70 14.66 -3.15
CA ASN A 503 -5.12 13.54 -3.92
C ASN A 503 -4.16 12.55 -3.16
N LYS A 504 -4.70 12.10 -2.04
CA LYS A 504 -4.00 11.22 -1.12
C LYS A 504 -3.67 9.82 -1.69
N PHE A 505 -4.22 9.46 -2.84
CA PHE A 505 -3.80 8.19 -3.48
C PHE A 505 -3.00 8.37 -4.77
N SER A 506 -2.64 9.59 -5.11
CA SER A 506 -1.96 9.78 -6.42
C SER A 506 -0.43 9.71 -6.32
N GLY A 507 0.12 9.82 -5.11
CA GLY A 507 1.56 9.96 -4.92
C GLY A 507 2.02 11.41 -5.04
N TYR A 508 3.19 11.67 -4.48
CA TYR A 508 3.85 12.97 -4.56
C TYR A 508 4.33 13.15 -6.02
N PRO A 509 4.67 14.39 -6.41
CA PRO A 509 4.89 14.61 -7.87
C PRO A 509 5.94 13.72 -8.51
N LEU A 510 7.02 13.43 -7.78
CA LEU A 510 8.16 12.70 -8.36
C LEU A 510 8.11 11.22 -8.06
N TYR A 511 6.94 10.74 -7.59
CA TYR A 511 6.73 9.32 -7.28
C TYR A 511 7.11 8.40 -8.45
N HIS A 512 8.04 7.47 -8.18
CA HIS A 512 8.47 6.41 -9.15
C HIS A 512 9.16 6.96 -10.41
N SER A 513 9.64 8.19 -10.30
CA SER A 513 10.46 8.82 -11.34
C SER A 513 11.97 8.80 -10.99
N VAL A 514 12.79 8.97 -12.04
CA VAL A 514 14.26 9.04 -11.88
C VAL A 514 14.63 10.19 -10.95
N TYR A 515 13.73 11.16 -10.80
CA TYR A 515 14.06 12.39 -10.05
C TYR A 515 13.95 12.22 -8.52
N GLU A 516 13.43 11.07 -8.06
CA GLU A 516 13.36 10.75 -6.64
C GLU A 516 14.75 10.42 -6.12
N THR A 517 15.50 11.42 -5.67
CA THR A 517 16.89 11.24 -5.34
C THR A 517 17.15 11.70 -3.89
N TYR A 518 18.35 11.43 -3.39
CA TYR A 518 18.80 11.99 -2.11
C TYR A 518 18.65 13.53 -2.12
N GLU A 519 19.04 14.19 -3.21
CA GLU A 519 18.95 15.65 -3.25
C GLU A 519 17.53 16.17 -3.13
N LEU A 520 16.58 15.46 -3.75
CA LEU A 520 15.18 15.83 -3.59
C LEU A 520 14.80 15.93 -2.13
N VAL A 521 15.17 14.92 -1.34
CA VAL A 521 14.80 14.87 0.09
C VAL A 521 15.57 15.92 0.89
N GLU A 522 16.89 15.95 0.72
CA GLU A 522 17.77 16.83 1.48
C GLU A 522 17.50 18.32 1.18
N LYS A 523 17.23 18.62 -0.08
CA LYS A 523 16.98 20.03 -0.46
C LYS A 523 15.56 20.50 -0.16
N PHE A 524 14.57 19.66 -0.46
CA PHE A 524 13.20 20.14 -0.58
C PHE A 524 12.21 19.58 0.43
N TYR A 525 12.46 18.39 0.98
CA TYR A 525 11.52 17.76 1.89
C TYR A 525 11.88 17.95 3.35
N ASP A 526 13.13 17.62 3.69
CA ASP A 526 13.47 17.46 5.11
C ASP A 526 14.97 17.72 5.35
N PRO A 527 15.42 18.97 5.13
CA PRO A 527 16.84 19.27 5.21
C PRO A 527 17.49 18.91 6.55
N MET A 528 16.73 19.06 7.64
N MET A 528 16.73 19.08 7.65
CA MET A 528 17.24 18.77 8.98
CA MET A 528 17.21 18.77 9.00
C MET A 528 16.94 17.32 9.42
C MET A 528 16.99 17.31 9.40
N PHE A 529 16.29 16.55 8.55
CA PHE A 529 15.91 15.16 8.86
C PHE A 529 15.06 15.00 10.13
N LYS A 530 14.38 16.08 10.47
CA LYS A 530 13.55 16.10 11.66
C LYS A 530 12.23 15.36 11.44
N TYR A 531 11.66 15.41 10.24
CA TYR A 531 10.44 14.65 9.97
C TYR A 531 10.77 13.16 9.93
N HIS A 532 11.91 12.80 9.30
CA HIS A 532 12.40 11.41 9.36
C HIS A 532 12.56 10.94 10.81
N LEU A 533 13.17 11.76 11.65
CA LEU A 533 13.38 11.39 13.04
C LEU A 533 12.04 11.18 13.77
N THR A 534 11.09 12.09 13.56
CA THR A 534 9.74 11.93 14.15
C THR A 534 9.09 10.62 13.69
N VAL A 535 9.18 10.31 12.39
CA VAL A 535 8.66 9.01 11.89
C VAL A 535 9.38 7.81 12.51
N ALA A 536 10.69 7.90 12.70
CA ALA A 536 11.43 6.83 13.38
C ALA A 536 10.95 6.64 14.81
N GLN A 537 10.69 7.74 15.50
CA GLN A 537 10.13 7.66 16.86
C GLN A 537 8.73 7.05 16.90
N VAL A 538 7.90 7.36 15.91
CA VAL A 538 6.55 6.77 15.87
C VAL A 538 6.64 5.27 15.54
N ARG A 539 7.30 4.93 14.44
CA ARG A 539 7.40 3.49 14.06
C ARG A 539 8.17 2.69 15.12
N GLY A 540 9.31 3.21 15.56
CA GLY A 540 10.12 2.53 16.57
C GLY A 540 9.45 2.45 17.93
N GLY A 541 8.80 3.54 18.33
CA GLY A 541 8.06 3.55 19.58
C GLY A 541 6.93 2.55 19.61
N MET A 542 6.22 2.42 18.47
CA MET A 542 5.16 1.40 18.38
C MET A 542 5.74 0.02 18.57
N VAL A 543 6.84 -0.26 17.85
CA VAL A 543 7.48 -1.57 17.95
C VAL A 543 7.95 -1.81 19.39
N PHE A 544 8.59 -0.79 20.00
CA PHE A 544 9.05 -0.91 21.40
C PHE A 544 7.90 -1.31 22.33
N GLU A 545 6.78 -0.61 22.24
CA GLU A 545 5.66 -0.89 23.15
C GLU A 545 5.05 -2.26 22.87
N LEU A 546 4.85 -2.57 21.60
CA LEU A 546 4.31 -3.89 21.20
C LEU A 546 5.21 -5.03 21.72
N ALA A 547 6.53 -4.82 21.69
CA ALA A 547 7.48 -5.88 22.06
C ALA A 547 7.79 -5.92 23.55
N ASN A 548 7.43 -4.84 24.27
CA ASN A 548 7.88 -4.70 25.68
C ASN A 548 6.80 -4.57 26.72
N SER A 549 5.61 -4.16 26.31
CA SER A 549 4.55 -3.94 27.30
C SER A 549 4.11 -5.27 27.89
N ILE A 550 3.87 -5.30 29.19
CA ILE A 550 3.48 -6.57 29.81
C ILE A 550 2.17 -7.09 29.26
N VAL A 551 1.17 -6.21 29.28
CA VAL A 551 -0.07 -6.51 28.57
C VAL A 551 0.04 -5.92 27.15
N LEU A 552 -0.34 -6.70 26.14
CA LEU A 552 -0.25 -6.20 24.75
C LEU A 552 -1.05 -4.88 24.64
N PRO A 553 -0.49 -3.88 23.92
CA PRO A 553 -1.13 -2.56 23.96
C PRO A 553 -2.25 -2.41 22.91
N PHE A 554 -3.25 -3.28 23.01
CA PHE A 554 -4.39 -3.33 22.07
C PHE A 554 -5.64 -3.04 22.88
N ASP A 555 -6.52 -2.20 22.38
CA ASP A 555 -7.80 -1.95 23.07
C ASP A 555 -8.96 -2.48 22.20
N CYS A 556 -9.50 -3.63 22.59
N CYS A 556 -9.54 -3.60 22.63
CA CYS A 556 -10.58 -4.23 21.82
CA CYS A 556 -10.61 -4.25 21.87
C CYS A 556 -11.82 -3.34 21.70
C CYS A 556 -11.92 -3.45 21.81
N ARG A 557 -12.05 -2.43 22.65
CA ARG A 557 -13.25 -1.55 22.64
C ARG A 557 -13.23 -0.62 21.41
N ASP A 558 -12.02 -0.32 20.93
CA ASP A 558 -11.88 0.51 19.74
C ASP A 558 -12.40 -0.22 18.50
N TYR A 559 -12.27 -1.56 18.49
CA TYR A 559 -12.83 -2.31 17.34
C TYR A 559 -14.37 -2.23 17.45
N ALA A 560 -14.92 -2.33 18.67
CA ALA A 560 -16.37 -2.29 18.83
C ALA A 560 -16.95 -0.97 18.28
N VAL A 561 -16.28 0.15 18.58
CA VAL A 561 -16.73 1.44 18.07
C VAL A 561 -16.76 1.49 16.52
N VAL A 562 -15.66 1.09 15.87
CA VAL A 562 -15.64 1.16 14.38
C VAL A 562 -16.60 0.16 13.75
N LEU A 563 -16.78 -1.01 14.38
CA LEU A 563 -17.69 -2.01 13.79
C LEU A 563 -19.11 -1.43 13.69
N ARG A 564 -19.53 -0.65 14.70
CA ARG A 564 -20.85 0.02 14.62
C ARG A 564 -20.90 1.05 13.49
N LYS A 565 -19.85 1.86 13.39
N LYS A 565 -19.85 1.86 13.36
CA LYS A 565 -19.72 2.81 12.29
CA LYS A 565 -19.73 2.81 12.26
C LYS A 565 -19.85 2.10 10.93
C LYS A 565 -19.80 2.12 10.88
N TYR A 566 -19.14 0.98 10.75
CA TYR A 566 -19.11 0.28 9.45
C TYR A 566 -20.47 -0.38 9.21
N ALA A 567 -21.10 -0.88 10.26
CA ALA A 567 -22.42 -1.46 10.10
C ALA A 567 -23.46 -0.39 9.69
N ASP A 568 -23.41 0.78 10.34
CA ASP A 568 -24.27 1.90 9.96
C ASP A 568 -24.04 2.29 8.50
N LYS A 569 -22.76 2.34 8.08
CA LYS A 569 -22.43 2.73 6.72
C LYS A 569 -22.97 1.73 5.70
N ILE A 570 -22.77 0.43 5.92
CA ILE A 570 -23.24 -0.56 4.91
C ILE A 570 -24.77 -0.67 4.89
N TYR A 571 -25.42 -0.56 6.07
CA TYR A 571 -26.87 -0.48 6.12
C TYR A 571 -27.37 0.71 5.27
N SER A 572 -26.68 1.85 5.39
CA SER A 572 -27.14 3.05 4.70
C SER A 572 -27.02 2.90 3.17
N ILE A 573 -25.99 2.15 2.70
CA ILE A 573 -25.86 1.84 1.28
C ILE A 573 -27.03 0.99 0.82
N SER A 574 -27.36 -0.03 1.62
CA SER A 574 -28.45 -0.95 1.26
C SER A 574 -29.78 -0.22 1.20
N MET A 575 -29.95 0.69 2.16
CA MET A 575 -31.22 1.45 2.27
C MET A 575 -31.51 2.43 1.14
N LYS A 576 -30.58 2.59 0.21
CA LYS A 576 -30.87 3.27 -1.05
C LYS A 576 -31.84 2.47 -1.95
N HIS A 577 -32.10 1.21 -1.60
CA HIS A 577 -32.96 0.28 -2.35
C HIS A 577 -34.05 -0.30 -1.45
N PRO A 578 -34.91 0.56 -0.90
CA PRO A 578 -35.87 0.04 0.06
C PRO A 578 -36.84 -0.98 -0.52
N GLN A 579 -37.27 -0.80 -1.77
CA GLN A 579 -38.24 -1.76 -2.33
C GLN A 579 -37.63 -3.16 -2.41
N GLU A 580 -36.37 -3.24 -2.83
CA GLU A 580 -35.73 -4.54 -2.92
C GLU A 580 -35.52 -5.15 -1.55
N MET A 581 -35.16 -4.32 -0.56
CA MET A 581 -34.99 -4.87 0.78
C MET A 581 -36.31 -5.44 1.30
N LYS A 582 -37.44 -4.83 0.93
CA LYS A 582 -38.75 -5.35 1.31
C LYS A 582 -39.05 -6.67 0.59
N THR A 583 -38.82 -6.66 -0.72
CA THR A 583 -39.15 -7.79 -1.59
C THR A 583 -38.37 -9.04 -1.21
N TYR A 584 -37.07 -8.87 -0.97
CA TYR A 584 -36.17 -10.00 -0.67
C TYR A 584 -35.90 -10.17 0.81
N SER A 585 -36.65 -9.45 1.65
CA SER A 585 -36.54 -9.59 3.10
C SER A 585 -35.07 -9.47 3.57
N VAL A 586 -34.43 -8.37 3.20
CA VAL A 586 -33.01 -8.15 3.45
C VAL A 586 -32.91 -7.41 4.80
N SER A 587 -32.44 -8.12 5.81
CA SER A 587 -32.34 -7.58 7.16
C SER A 587 -30.90 -7.49 7.63
N PHE A 588 -30.54 -6.36 8.25
CA PHE A 588 -29.19 -6.23 8.85
C PHE A 588 -29.24 -6.51 10.35
N ASP A 589 -30.40 -7.00 10.82
CA ASP A 589 -30.59 -7.22 12.27
C ASP A 589 -29.50 -8.10 12.85
N SER A 590 -29.10 -9.15 12.11
CA SER A 590 -28.08 -10.07 12.68
C SER A 590 -26.73 -9.36 12.85
N LEU A 591 -26.39 -8.51 11.89
CA LEU A 591 -25.11 -7.84 11.94
C LEU A 591 -25.10 -6.82 13.10
N PHE A 592 -26.18 -6.06 13.26
CA PHE A 592 -26.24 -5.14 14.41
C PHE A 592 -26.23 -5.89 15.75
N SER A 593 -26.89 -7.04 15.79
CA SER A 593 -26.87 -7.89 17.00
C SER A 593 -25.44 -8.32 17.35
N ALA A 594 -24.71 -8.80 16.33
CA ALA A 594 -23.33 -9.23 16.51
C ALA A 594 -22.45 -8.08 17.01
N VAL A 595 -22.64 -6.91 16.42
CA VAL A 595 -21.86 -5.71 16.83
C VAL A 595 -22.18 -5.33 18.28
N LYS A 596 -23.46 -5.35 18.62
CA LYS A 596 -23.89 -5.10 20.01
C LYS A 596 -23.23 -6.09 20.98
N ASN A 597 -23.24 -7.38 20.62
CA ASN A 597 -22.60 -8.39 21.44
C ASN A 597 -21.11 -8.18 21.58
N PHE A 598 -20.46 -7.84 20.45
CA PHE A 598 -19.03 -7.57 20.47
C PHE A 598 -18.73 -6.43 21.46
N THR A 599 -19.58 -5.39 21.42
CA THR A 599 -19.40 -4.21 22.29
C THR A 599 -19.50 -4.62 23.76
N GLU A 600 -20.52 -5.42 24.08
CA GLU A 600 -20.74 -5.84 25.46
C GLU A 600 -19.60 -6.75 25.95
N ILE A 601 -19.20 -7.71 25.11
CA ILE A 601 -18.19 -8.68 25.51
C ILE A 601 -16.83 -7.99 25.61
N ALA A 602 -16.55 -7.08 24.68
CA ALA A 602 -15.28 -6.32 24.74
C ALA A 602 -15.21 -5.47 26.01
N SER A 603 -16.32 -4.86 26.40
CA SER A 603 -16.33 -4.07 27.64
C SER A 603 -16.02 -4.94 28.85
N LYS A 604 -16.60 -6.14 28.88
CA LYS A 604 -16.36 -7.04 30.00
C LYS A 604 -14.92 -7.55 30.00
N PHE A 605 -14.38 -7.87 28.82
CA PHE A 605 -13.00 -8.28 28.71
C PHE A 605 -12.04 -7.19 29.21
N SER A 606 -12.30 -5.94 28.84
CA SER A 606 -11.47 -4.81 29.27
C SER A 606 -11.45 -4.73 30.80
N GLU A 607 -12.60 -4.94 31.42
CA GLU A 607 -12.73 -4.91 32.88
C GLU A 607 -11.84 -5.98 33.48
N ARG A 608 -11.89 -7.19 32.93
CA ARG A 608 -11.06 -8.29 33.45
C ARG A 608 -9.58 -8.01 33.24
N LEU A 609 -9.24 -7.39 32.12
CA LEU A 609 -7.85 -7.13 31.79
C LEU A 609 -7.27 -6.09 32.76
N GLN A 610 -8.13 -5.20 33.23
CA GLN A 610 -7.65 -4.16 34.12
C GLN A 610 -7.54 -4.72 35.55
N ASP A 611 -8.27 -5.82 35.83
CA ASP A 611 -8.50 -6.42 37.18
C ASP A 611 -7.76 -7.73 37.61
N PHE A 612 -6.80 -8.27 36.86
CA PHE A 612 -6.04 -9.52 37.25
C PHE A 612 -4.54 -9.27 37.68
N SER A 615 -0.53 -10.92 39.44
N SER A 615 1.91 -11.12 37.58
CA SER A 615 0.64 -11.74 39.65
CA SER A 615 3.08 -11.93 37.96
C SER A 615 0.63 -13.07 38.85
C SER A 615 2.74 -13.42 37.90
N ASN A 616 -0.45 -13.32 38.09
N ASN A 616 1.53 -13.76 37.48
CA ASN A 616 -0.63 -14.62 37.45
CA ASN A 616 1.16 -15.15 37.21
C ASN A 616 -0.26 -14.59 35.98
C ASN A 616 1.43 -15.43 35.73
N PRO A 617 0.87 -15.23 35.63
N PRO A 617 2.56 -16.11 35.40
CA PRO A 617 1.37 -15.07 34.26
CA PRO A 617 2.92 -16.27 33.98
C PRO A 617 0.57 -15.88 33.24
C PRO A 617 1.86 -16.90 33.07
N ILE A 618 -0.17 -16.90 33.71
N ILE A 618 1.15 -17.92 33.51
CA ILE A 618 -1.01 -17.72 32.81
CA ILE A 618 0.14 -18.53 32.62
C ILE A 618 -2.27 -16.94 32.44
C ILE A 618 -1.13 -17.68 32.50
N VAL A 619 -2.85 -16.24 33.40
N VAL A 619 -1.61 -17.13 33.61
CA VAL A 619 -4.02 -15.44 33.12
CA VAL A 619 -2.78 -16.23 33.46
C VAL A 619 -3.61 -14.30 32.20
C VAL A 619 -2.50 -15.04 32.52
N LEU A 620 -2.44 -13.74 32.47
N LEU A 620 -1.30 -14.47 32.60
CA LEU A 620 -1.86 -12.66 31.66
CA LEU A 620 -0.92 -13.37 31.71
C LEU A 620 -1.68 -13.12 30.21
C LEU A 620 -0.81 -13.87 30.28
N ARG A 621 -1.01 -14.27 30.02
N ARG A 621 -0.27 -15.05 30.12
CA ARG A 621 -0.70 -14.77 28.69
CA ARG A 621 -0.27 -15.65 28.79
C ARG A 621 -1.96 -15.24 28.07
C ARG A 621 -1.67 -15.75 28.09
N MET A 622 -2.75 -15.98 28.85
CA MET A 622 -4.11 -16.29 28.34
C MET A 622 -4.78 -15.01 27.80
N MET A 623 -4.72 -13.92 28.59
CA MET A 623 -5.30 -12.67 28.13
C MET A 623 -4.54 -12.03 26.97
N ASN A 624 -3.22 -12.14 27.00
CA ASN A 624 -2.41 -11.64 25.86
C ASN A 624 -2.72 -12.45 24.59
N ASP A 625 -2.93 -13.76 24.76
CA ASP A 625 -3.31 -14.57 23.59
C ASP A 625 -4.70 -14.16 23.07
N GLN A 626 -5.63 -13.83 23.96
CA GLN A 626 -6.95 -13.35 23.51
C GLN A 626 -6.80 -12.04 22.72
N LEU A 627 -5.92 -11.17 23.18
CA LEU A 627 -5.65 -9.92 22.48
C LEU A 627 -4.98 -10.18 21.12
N MET A 628 -3.99 -11.07 21.09
CA MET A 628 -3.25 -11.37 19.86
C MET A 628 -4.15 -12.04 18.80
N PHE A 629 -5.00 -12.95 19.24
CA PHE A 629 -5.87 -13.72 18.31
C PHE A 629 -7.15 -13.00 17.94
N LEU A 630 -7.35 -11.79 18.50
CA LEU A 630 -8.57 -11.06 18.19
C LEU A 630 -8.56 -10.60 16.72
N GLU A 631 -7.47 -9.96 16.26
CA GLU A 631 -7.38 -9.65 14.81
C GLU A 631 -7.52 -10.96 13.99
N ARG A 632 -6.94 -12.05 14.50
CA ARG A 632 -6.95 -13.32 13.77
C ARG A 632 -8.40 -13.83 13.58
N ALA A 633 -9.27 -13.50 14.54
CA ALA A 633 -10.64 -13.99 14.49
C ALA A 633 -11.44 -13.41 13.33
N PHE A 634 -10.99 -12.27 12.78
CA PHE A 634 -11.75 -11.74 11.64
C PHE A 634 -11.42 -12.39 10.32
N ILE A 635 -10.50 -13.37 10.33
CA ILE A 635 -10.13 -14.11 9.11
C ILE A 635 -11.19 -15.19 8.82
N ASP A 636 -11.63 -15.25 7.56
CA ASP A 636 -12.50 -16.35 7.09
C ASP A 636 -11.63 -17.25 6.23
N PRO A 637 -11.47 -18.52 6.61
CA PRO A 637 -10.56 -19.41 5.88
C PRO A 637 -11.06 -19.66 4.45
N LEU A 638 -12.29 -19.29 4.14
CA LEU A 638 -12.76 -19.45 2.74
C LEU A 638 -12.47 -18.24 1.84
N GLY A 639 -11.99 -17.15 2.46
CA GLY A 639 -11.65 -15.92 1.74
C GLY A 639 -12.88 -15.16 1.27
N LEU A 640 -12.65 -14.04 0.61
CA LEU A 640 -13.76 -13.29 0.01
C LEU A 640 -14.04 -13.80 -1.40
N PRO A 641 -15.25 -13.53 -1.95
CA PRO A 641 -15.60 -14.04 -3.29
C PRO A 641 -14.58 -13.75 -4.38
N ASP A 642 -14.07 -14.82 -4.99
CA ASP A 642 -13.07 -14.76 -6.06
C ASP A 642 -11.76 -14.09 -5.68
N ARG A 643 -11.57 -13.85 -4.38
CA ARG A 643 -10.31 -13.26 -3.84
C ARG A 643 -9.88 -14.07 -2.60
N PRO A 644 -9.39 -15.29 -2.86
CA PRO A 644 -9.09 -16.22 -1.76
C PRO A 644 -8.00 -15.76 -0.81
N PHE A 645 -7.12 -14.84 -1.23
CA PHE A 645 -6.07 -14.36 -0.34
C PHE A 645 -6.43 -13.08 0.43
N TYR A 646 -7.65 -12.57 0.20
CA TYR A 646 -8.17 -11.51 1.07
C TYR A 646 -9.16 -12.20 1.97
N ARG A 647 -8.75 -12.44 3.21
CA ARG A 647 -9.55 -13.32 4.11
C ARG A 647 -10.14 -12.55 5.28
N HIS A 648 -9.76 -11.27 5.44
CA HIS A 648 -10.27 -10.48 6.58
C HIS A 648 -11.70 -10.04 6.20
N VAL A 649 -12.65 -10.28 7.08
CA VAL A 649 -14.07 -10.01 6.76
C VAL A 649 -14.42 -8.53 6.99
N ILE A 650 -13.64 -7.84 7.84
CA ILE A 650 -13.95 -6.45 8.13
C ILE A 650 -13.33 -5.52 7.09
N TYR A 651 -12.11 -5.82 6.68
CA TYR A 651 -11.34 -4.95 5.77
C TYR A 651 -10.81 -5.70 4.58
N ALA A 652 -10.90 -5.13 3.38
CA ALA A 652 -10.15 -5.63 2.23
C ALA A 652 -9.77 -4.44 1.38
N PRO A 653 -8.78 -4.59 0.51
CA PRO A 653 -8.53 -3.52 -0.46
C PRO A 653 -9.75 -3.34 -1.33
N SER A 654 -10.11 -2.09 -1.63
CA SER A 654 -11.26 -1.83 -2.51
C SER A 654 -11.11 -2.47 -3.86
N SER A 655 -12.20 -3.09 -4.31
CA SER A 655 -12.26 -3.68 -5.65
C SER A 655 -12.13 -2.67 -6.80
N HIS A 656 -12.23 -1.38 -6.48
CA HIS A 656 -12.10 -0.28 -7.45
C HIS A 656 -10.81 0.49 -7.28
N ASN A 657 -10.10 0.22 -6.21
CA ASN A 657 -8.87 0.98 -5.94
C ASN A 657 -8.10 0.27 -4.87
N LYS A 658 -7.12 -0.51 -5.30
CA LYS A 658 -6.36 -1.34 -4.37
C LYS A 658 -5.74 -0.54 -3.22
N TYR A 659 -5.44 0.74 -3.44
CA TYR A 659 -4.82 1.50 -2.35
C TYR A 659 -5.75 1.79 -1.20
N ALA A 660 -7.06 1.87 -1.47
CA ALA A 660 -8.00 2.25 -0.41
C ALA A 660 -8.53 1.02 0.30
N GLY A 661 -8.69 1.10 1.61
CA GLY A 661 -9.42 0.02 2.30
C GLY A 661 -10.92 0.20 2.19
N GLU A 662 -11.63 -0.93 2.17
CA GLU A 662 -13.09 -0.97 2.19
C GLU A 662 -13.50 -1.73 3.45
N SER A 663 -14.57 -1.30 4.12
CA SER A 663 -15.07 -2.03 5.29
C SER A 663 -16.23 -2.90 4.88
N PHE A 664 -16.42 -4.03 5.61
CA PHE A 664 -17.42 -5.05 5.20
C PHE A 664 -17.39 -5.26 3.67
N PRO A 665 -16.18 -5.56 3.15
CA PRO A 665 -16.03 -5.62 1.69
C PRO A 665 -16.93 -6.64 1.03
N GLY A 666 -17.23 -7.78 1.68
CA GLY A 666 -18.06 -8.79 0.99
C GLY A 666 -19.47 -8.24 0.76
N ILE A 667 -20.01 -7.54 1.78
CA ILE A 667 -21.34 -6.90 1.58
C ILE A 667 -21.24 -5.70 0.60
N TYR A 668 -20.18 -4.91 0.73
CA TYR A 668 -20.03 -3.73 -0.12
C TYR A 668 -20.04 -4.15 -1.60
N ASP A 669 -19.20 -5.14 -1.96
CA ASP A 669 -19.16 -5.59 -3.35
C ASP A 669 -20.48 -6.24 -3.79
N ALA A 670 -21.17 -6.95 -2.89
CA ALA A 670 -22.48 -7.52 -3.25
C ALA A 670 -23.53 -6.42 -3.59
N LEU A 671 -23.43 -5.28 -2.93
CA LEU A 671 -24.36 -4.16 -3.16
C LEU A 671 -23.95 -3.22 -4.29
N PHE A 672 -22.68 -3.25 -4.67
CA PHE A 672 -22.17 -2.27 -5.64
C PHE A 672 -22.85 -2.44 -7.00
N ASP A 673 -23.46 -1.34 -7.47
CA ASP A 673 -24.12 -1.31 -8.80
C ASP A 673 -25.17 -2.40 -8.92
N ILE A 674 -25.82 -2.74 -7.79
CA ILE A 674 -26.75 -3.86 -7.77
C ILE A 674 -27.97 -3.60 -8.66
N GLU A 675 -28.33 -2.32 -8.82
CA GLU A 675 -29.48 -1.93 -9.66
C GLU A 675 -29.28 -2.30 -11.14
N SER A 676 -28.05 -2.63 -11.50
CA SER A 676 -27.70 -3.01 -12.88
C SER A 676 -27.70 -4.50 -13.12
N LYS A 677 -27.81 -5.33 -12.06
CA LYS A 677 -27.76 -6.79 -12.21
C LYS A 677 -29.03 -7.32 -12.83
N VAL A 678 -28.91 -8.26 -13.78
N VAL A 678 -28.87 -8.26 -13.76
CA VAL A 678 -30.12 -8.71 -14.52
CA VAL A 678 -29.99 -8.79 -14.54
C VAL A 678 -30.90 -9.85 -13.83
C VAL A 678 -30.96 -9.59 -13.67
N ASP A 679 -30.42 -10.28 -12.65
CA ASP A 679 -31.19 -11.22 -11.82
C ASP A 679 -31.18 -10.68 -10.38
N PRO A 680 -32.13 -9.79 -10.06
CA PRO A 680 -32.11 -9.13 -8.74
C PRO A 680 -32.31 -10.10 -7.59
N SER A 681 -33.09 -11.17 -7.80
CA SER A 681 -33.25 -12.20 -6.78
C SER A 681 -31.92 -12.81 -6.37
N LYS A 682 -31.15 -13.26 -7.37
CA LYS A 682 -29.81 -13.75 -7.14
C LYS A 682 -28.90 -12.71 -6.48
N ALA A 683 -28.92 -11.47 -6.98
CA ALA A 683 -28.00 -10.45 -6.46
C ALA A 683 -28.32 -10.16 -4.98
N TRP A 684 -29.62 -9.99 -4.67
CA TRP A 684 -30.00 -9.69 -3.26
C TRP A 684 -29.79 -10.91 -2.35
N GLY A 685 -29.94 -12.10 -2.93
CA GLY A 685 -29.57 -13.33 -2.19
C GLY A 685 -28.11 -13.31 -1.72
N GLU A 686 -27.22 -12.84 -2.59
CA GLU A 686 -25.81 -12.78 -2.28
C GLU A 686 -25.56 -11.66 -1.27
N VAL A 687 -26.32 -10.55 -1.34
CA VAL A 687 -26.21 -9.57 -0.26
C VAL A 687 -26.52 -10.22 1.08
N LYS A 688 -27.64 -10.97 1.12
CA LYS A 688 -28.03 -11.64 2.40
C LYS A 688 -26.98 -12.64 2.86
N ARG A 689 -26.40 -13.36 1.91
CA ARG A 689 -25.33 -14.28 2.26
C ARG A 689 -24.15 -13.57 2.90
N GLN A 690 -23.75 -12.44 2.33
CA GLN A 690 -22.65 -11.66 2.90
C GLN A 690 -23.01 -11.03 4.25
N ILE A 691 -24.27 -10.63 4.45
CA ILE A 691 -24.66 -10.15 5.79
C ILE A 691 -24.47 -11.28 6.82
N TYR A 692 -24.93 -12.50 6.48
CA TYR A 692 -24.77 -13.66 7.38
C TYR A 692 -23.30 -13.95 7.68
N VAL A 693 -22.46 -13.93 6.67
CA VAL A 693 -21.01 -14.20 6.91
C VAL A 693 -20.41 -13.13 7.83
N ALA A 694 -20.77 -11.87 7.61
CA ALA A 694 -20.23 -10.78 8.42
C ALA A 694 -20.75 -10.87 9.86
N ALA A 695 -22.05 -11.09 10.03
CA ALA A 695 -22.63 -11.20 11.38
C ALA A 695 -22.00 -12.37 12.14
N PHE A 696 -21.91 -13.52 11.46
CA PHE A 696 -21.26 -14.66 12.08
C PHE A 696 -19.82 -14.36 12.51
N THR A 697 -19.06 -13.73 11.62
CA THR A 697 -17.62 -13.52 11.90
C THR A 697 -17.48 -12.54 13.08
N VAL A 698 -18.29 -11.48 13.10
CA VAL A 698 -18.23 -10.52 14.21
C VAL A 698 -18.58 -11.20 15.53
N GLN A 699 -19.63 -12.04 15.54
CA GLN A 699 -19.98 -12.74 16.79
C GLN A 699 -18.88 -13.75 17.18
N ALA A 700 -18.29 -14.42 16.20
CA ALA A 700 -17.23 -15.40 16.52
C ALA A 700 -16.01 -14.70 17.10
N ALA A 701 -15.66 -13.54 16.54
CA ALA A 701 -14.53 -12.70 17.04
C ALA A 701 -14.89 -12.30 18.45
N ALA A 702 -16.12 -11.79 18.71
CA ALA A 702 -16.54 -11.45 20.08
C ALA A 702 -16.36 -12.56 21.07
N GLU A 703 -16.76 -13.77 20.66
CA GLU A 703 -16.69 -14.94 21.55
C GLU A 703 -15.27 -15.34 21.91
N THR A 704 -14.28 -14.91 21.11
CA THR A 704 -12.90 -15.18 21.50
C THR A 704 -12.47 -14.38 22.75
N LEU A 705 -13.22 -13.31 23.04
CA LEU A 705 -12.98 -12.45 24.21
C LEU A 705 -13.79 -12.85 25.44
N SER A 706 -14.73 -13.78 25.25
CA SER A 706 -15.49 -14.31 26.41
C SER A 706 -14.55 -15.06 27.37
N GLU A 707 -14.99 -15.25 28.62
CA GLU A 707 -14.25 -16.16 29.51
C GLU A 707 -14.05 -17.52 28.78
N VAL A 708 -12.85 -18.07 28.90
CA VAL A 708 -12.44 -19.20 28.05
C VAL A 708 -13.10 -20.53 28.45
N ALA A 709 -13.62 -20.60 29.69
CA ALA A 709 -14.22 -21.82 30.26
C ALA A 709 -14.84 -21.47 31.60
C1 NAG B . 27.51 2.42 2.17
C2 NAG B . 28.66 2.67 1.20
C3 NAG B . 29.57 1.45 1.15
C4 NAG B . 29.93 0.91 2.54
C5 NAG B . 28.73 0.88 3.47
C6 NAG B . 29.14 0.54 4.92
C7 NAG B . 28.10 4.14 -0.65
C8 NAG B . 27.55 4.24 -2.04
N2 NAG B . 28.16 2.89 -0.13
O3 NAG B . 30.78 1.86 0.52
O4 NAG B . 30.43 -0.41 2.36
O5 NAG B . 28.04 2.11 3.44
O6 NAG B . 29.89 1.60 5.51
O7 NAG B . 28.46 5.15 -0.03
C1 NAG B . 31.73 -0.56 2.98
C2 NAG B . 31.99 -2.05 3.19
C3 NAG B . 33.46 -2.35 3.58
C4 NAG B . 34.50 -1.53 2.80
C5 NAG B . 34.07 -0.06 2.62
C6 NAG B . 34.95 0.67 1.60
C7 NAG B . 29.97 -3.35 4.00
C8 NAG B . 29.49 -3.62 2.62
N2 NAG B . 31.10 -2.63 4.20
O3 NAG B . 33.67 -3.74 3.36
O4 NAG B . 35.78 -1.63 3.45
O5 NAG B . 32.73 0.00 2.13
O6 NAG B . 34.72 0.12 0.31
O7 NAG B . 29.33 -3.78 4.98
C1 NAG C . 10.13 7.27 -34.65
C2 NAG C . 10.72 8.11 -35.80
C3 NAG C . 10.77 7.30 -37.08
C4 NAG C . 11.43 5.93 -36.88
C5 NAG C . 10.88 5.20 -35.61
C6 NAG C . 11.64 3.90 -35.28
C7 NAG C . 10.27 10.50 -35.68
C8 NAG C . 9.33 11.61 -36.00
N2 NAG C . 9.89 9.27 -36.05
O3 NAG C . 11.48 8.09 -38.02
O4 NAG C . 11.11 5.19 -38.05
O5 NAG C . 10.91 6.08 -34.50
O6 NAG C . 13.01 4.13 -35.06
O7 NAG C . 11.32 10.72 -35.09
C1 NAG C . 12.27 4.55 -38.67
C2 NAG C . 11.73 3.37 -39.49
C3 NAG C . 12.87 2.64 -40.19
C4 NAG C . 13.74 3.61 -41.01
C5 NAG C . 14.22 4.73 -40.08
C6 NAG C . 15.19 5.68 -40.81
C7 NAG C . 9.64 2.38 -38.54
C8 NAG C . 9.10 1.30 -37.65
N2 NAG C . 10.97 2.42 -38.67
O3 NAG C . 12.35 1.65 -41.05
O4 NAG C . 14.80 2.91 -41.65
O5 NAG C . 13.10 5.40 -39.48
O6 NAG C . 14.74 7.02 -40.74
O7 NAG C . 8.83 3.15 -39.08
C1 NAG D . -3.36 4.90 26.89
C2 NAG D . -3.42 3.43 27.28
C3 NAG D . -4.59 3.23 28.21
C4 NAG D . -4.53 4.19 29.41
C5 NAG D . -4.45 5.64 28.87
C6 NAG D . -4.34 6.71 29.98
C7 NAG D . -2.74 1.57 25.78
C8 NAG D . -1.65 1.22 26.73
N2 NAG D . -3.54 2.58 26.08
O3 NAG D . -4.54 1.87 28.66
O4 NAG D . -5.76 4.08 30.10
O5 NAG D . -3.27 5.68 28.09
O6 NAG D . -3.19 6.39 30.74
O7 NAG D . -2.91 0.87 24.72
C1 NAG D . -5.52 3.84 31.51
C2 NAG D . -6.89 3.99 32.17
C3 NAG D . -6.82 3.69 33.67
C4 NAG D . -6.14 2.34 33.92
C5 NAG D . -4.80 2.25 33.15
C6 NAG D . -4.20 0.87 33.23
C7 NAG D . -8.37 5.59 31.04
C8 NAG D . -9.02 4.47 30.25
N2 NAG D . -7.38 5.34 31.89
O3 NAG D . -8.14 3.72 34.18
O4 NAG D . -5.93 2.11 35.32
O5 NAG D . -5.03 2.56 31.76
O6 NAG D . -5.21 -0.07 32.88
O7 NAG D . -8.76 6.74 30.82
C1 NAG E . -26.02 -11.83 20.58
C2 NAG E . -26.21 -12.94 19.53
C3 NAG E . -27.57 -13.63 19.81
C4 NAG E . -27.61 -14.16 21.25
C5 NAG E . -27.22 -13.06 22.23
C6 NAG E . -27.08 -13.67 23.64
C7 NAG E . -25.57 -13.09 17.17
C8 NAG E . -25.63 -12.42 15.84
N2 NAG E . -26.18 -12.41 18.17
O3 NAG E . -27.78 -14.69 18.91
O4 NAG E . -28.93 -14.52 21.63
O5 NAG E . -25.95 -12.53 21.83
O6 NAG E . -27.19 -12.66 24.62
O7 NAG E . -24.99 -14.18 17.32
C1 NAG E . -29.35 -15.78 21.10
C2 NAG E . -30.09 -16.59 22.16
C3 NAG E . -30.74 -17.84 21.56
C4 NAG E . -31.60 -17.44 20.35
C5 NAG E . -30.63 -16.71 19.42
C6 NAG E . -31.12 -16.40 18.01
C7 NAG E . -29.31 -16.43 24.47
C8 NAG E . -30.36 -15.38 24.73
N2 NAG E . -29.21 -16.98 23.24
O3 NAG E . -31.49 -18.46 22.60
O4 NAG E . -32.11 -18.53 19.60
O5 NAG E . -30.23 -15.51 20.06
O6 NAG E . -32.30 -15.64 18.14
O7 NAG E . -28.54 -16.81 25.35
C1 BMA E . -33.36 -19.00 20.12
C2 BMA E . -34.19 -19.52 18.96
C3 BMA E . -35.46 -20.19 19.48
C4 BMA E . -35.11 -21.23 20.54
C5 BMA E . -34.22 -20.62 21.63
C6 BMA E . -33.80 -21.64 22.66
O2 BMA E . -33.40 -20.46 18.18
O3 BMA E . -36.08 -20.80 18.35
O4 BMA E . -36.28 -21.83 21.09
O5 BMA E . -33.04 -20.08 21.00
O6 BMA E . -32.87 -21.00 23.54
C1 MAN E . -37.51 -20.51 18.31
C2 MAN E . -38.13 -21.52 17.32
C3 MAN E . -37.65 -21.24 15.88
C4 MAN E . -37.95 -19.79 15.49
C5 MAN E . -37.31 -18.88 16.55
C6 MAN E . -37.47 -17.39 16.23
O2 MAN E . -39.53 -21.45 17.45
O3 MAN E . -38.14 -22.12 14.88
O4 MAN E . -37.42 -19.49 14.19
O5 MAN E . -37.79 -19.18 17.87
O6 MAN E . -38.84 -17.03 16.32
C1 NAG F . 15.31 -8.18 -27.09
C2 NAG F . 15.14 -9.70 -27.12
C3 NAG F . 16.03 -10.40 -28.17
C4 NAG F . 16.24 -9.57 -29.46
C5 NAG F . 16.48 -8.09 -29.11
C6 NAG F . 16.82 -7.19 -30.32
C7 NAG F . 14.36 -10.78 -25.08
C8 NAG F . 13.06 -11.03 -25.80
N2 NAG F . 15.34 -10.15 -25.75
O3 NAG F . 15.38 -11.60 -28.49
O4 NAG F . 17.30 -10.08 -30.28
O5 NAG F . 15.32 -7.62 -28.39
O6 NAG F . 15.83 -7.17 -31.33
O7 NAG F . 14.50 -11.16 -23.94
C1 NAG G . -18.58 -2.03 -29.34
C2 NAG G . -19.83 -2.86 -29.04
C3 NAG G . -19.46 -4.32 -29.24
C4 NAG G . -19.20 -4.52 -30.74
C5 NAG G . -18.02 -3.67 -31.20
C6 NAG G . -18.04 -3.62 -32.73
C7 NAG G . -21.38 -1.84 -27.38
C8 NAG G . -21.76 -1.77 -25.93
N2 NAG G . -20.35 -2.66 -27.69
O3 NAG G . -20.52 -5.14 -28.82
O4 NAG G . -18.97 -5.89 -30.99
O5 NAG G . -18.01 -2.33 -30.64
O6 NAG G . -16.86 -3.03 -33.26
O7 NAG G . -22.00 -1.16 -28.21
C1 NAG H . 8.15 21.98 3.25
C2 NAG H . 7.52 21.92 1.86
C3 NAG H . 7.60 23.29 1.17
C4 NAG H . 6.88 24.35 2.01
C5 NAG H . 7.46 24.30 3.45
C6 NAG H . 6.82 25.33 4.40
C7 NAG H . 7.34 19.92 0.51
C8 NAG H . 8.03 18.92 -0.36
N2 NAG H . 8.11 20.87 1.04
O3 NAG H . 6.96 23.23 -0.09
O4 NAG H . 6.96 25.65 1.41
O5 NAG H . 7.42 22.97 3.99
O6 NAG H . 5.40 25.23 4.45
O7 NAG H . 6.12 19.84 0.65
ZN ZN I . 6.80 2.32 -4.85
ZN ZN J . 7.67 1.66 -1.75
CA CA K . 4.07 -17.92 -3.77
CL CL L . 4.55 2.75 4.94
CAN 2QN M . -1.86 5.23 2.10
CAL 2QN M . -1.54 5.44 3.46
CBC 2QN M . -0.29 5.89 3.92
IAG 2QN M . 0.25 6.18 6.04
CAM 2QN M . 0.61 6.16 2.88
CAO 2QN M . 0.31 5.98 1.50
CBE 2QN M . -0.94 5.53 1.09
CBB 2QN M . -1.26 5.26 -0.41
OAD 2QN M . -1.91 4.24 -0.70
NAV 2QN M . -0.70 6.02 -1.32
CAR 2QN M . -0.86 5.79 -2.76
CAP 2QN M . 0.43 6.17 -3.47
CAQ 2QN M . 1.78 5.60 -2.88
CB 2QN M . 1.84 4.05 -3.01
CA 2QN M . 3.15 3.47 -2.40
C 2QN M . 3.14 3.60 -0.87
OXT 2QN M . 3.86 4.51 -0.45
O 2QN M . 2.42 2.81 -0.22
N 2QN M . 3.12 2.06 -2.74
CBA 2QN M . 3.60 1.59 -3.88
OAC 2QN M . 4.22 2.31 -4.70
NAX 2QN M . 3.50 0.28 -4.09
CBG 2QN M . 3.81 -0.19 -5.45
CAZ 2QN M . 2.83 0.52 -6.43
OAF 2QN M . 3.15 0.56 -7.65
OAB 2QN M . 1.79 1.05 -5.98
CAT 2QN M . 3.64 -1.70 -5.69
CBD 2QN M . 2.28 -2.30 -5.36
CAJ 2QN M . 1.15 -2.07 -6.16
CAH 2QN M . -0.07 -2.66 -5.86
NAU 2QN M . -0.17 -3.50 -4.84
CAI 2QN M . 0.89 -3.75 -4.05
CAK 2QN M . 2.14 -3.16 -4.28
#